data_8QZ1
#
_entry.id   8QZ1
#
_cell.length_a   233.663
_cell.length_b   233.663
_cell.length_c   67.388
_cell.angle_alpha   90
_cell.angle_beta   90
_cell.angle_gamma   120
#
_symmetry.space_group_name_H-M   'H 3'
#
loop_
_entity.id
_entity.type
_entity.pdbx_description
1 polymer 'Isoform B of Potassium channel subfamily K member 10'
2 polymer 'Nanobody 58'
3 non-polymer 'POTASSIUM ION'
#
loop_
_entity_poly.entity_id
_entity_poly.type
_entity_poly.pdbx_seq_one_letter_code
_entity_poly.pdbx_strand_id
1 'polypeptide(L)'
;MGLQTVMKWKTVVAIFVVVVVYLVTGGLVFRALEQPFESSQKNTIALEKAEFLRDHVCVSPQELETLIQHALDADNAGVS
PIGNSSNNSSHWDLGSAFFFAGTVITTIGYGNIAPSTEGGKIFCILYAIFGIPLFGFLLAGIGDQLGTIFGKSIARVEKV
FRKKQVSQTKIRVISTILFILAGCIVFVTIPAVIFKYIEGWTALESIYFVVVTLTTVGFGDFVAGGNAGINYREWYKPLV
WFWILVGLAYFAAVLSMIGDWLRVLSKKTKEEVGEAENLYFQ
;
A,B
2 'polypeptide(L)'
;QVQLVESGGGLVQAGGSLRLSCAASGRAGSGYAMGWFRQAPGKEREIVGAISWSGDNTYYADSVRGRVTISRDYAQNTVY
LQMNSLKPEDTAVYYCAADGRGNLRRGTAGRYVEYWGQGTQVTVSSHHHHHHEPEA
;
C,D
#
# COMPACT_ATOMS: atom_id res chain seq x y z
N LYS A 8 35.18 17.02 26.84
CA LYS A 8 34.91 16.48 28.18
C LYS A 8 33.71 15.54 28.16
N TRP A 9 33.73 14.49 29.00
CA TRP A 9 32.63 13.53 29.04
C TRP A 9 31.36 14.11 29.69
N LYS A 10 31.50 15.15 30.53
CA LYS A 10 30.37 15.83 31.18
C LYS A 10 29.47 16.48 30.13
N THR A 11 30.08 17.08 29.10
CA THR A 11 29.37 17.73 28.00
C THR A 11 28.71 16.72 27.04
N VAL A 12 29.18 15.46 27.02
CA VAL A 12 28.62 14.39 26.21
C VAL A 12 27.30 13.94 26.82
N VAL A 13 27.25 13.77 28.15
CA VAL A 13 26.03 13.40 28.87
C VAL A 13 25.02 14.54 28.83
N ALA A 14 25.50 15.79 28.90
CA ALA A 14 24.65 16.97 28.83
C ALA A 14 24.03 17.08 27.43
N ILE A 15 24.83 16.90 26.36
CA ILE A 15 24.32 16.96 24.99
C ILE A 15 23.34 15.80 24.72
N PHE A 16 23.59 14.63 25.32
CA PHE A 16 22.73 13.46 25.19
C PHE A 16 21.38 13.74 25.83
N VAL A 17 21.37 14.33 27.03
CA VAL A 17 20.12 14.67 27.72
C VAL A 17 19.31 15.70 26.90
N VAL A 18 20.00 16.70 26.32
CA VAL A 18 19.37 17.73 25.50
C VAL A 18 18.74 17.10 24.25
N VAL A 19 19.45 16.15 23.64
CA VAL A 19 18.93 15.45 22.45
C VAL A 19 17.71 14.62 22.85
N VAL A 20 17.78 13.91 23.97
CA VAL A 20 16.70 13.07 24.49
C VAL A 20 15.42 13.88 24.78
N VAL A 21 15.54 15.04 25.47
CA VAL A 21 14.36 15.86 25.77
C VAL A 21 13.81 16.52 24.49
N TYR A 22 14.66 16.78 23.49
CA TYR A 22 14.23 17.35 22.20
C TYR A 22 13.34 16.36 21.43
N LEU A 23 13.62 15.05 21.55
CA LEU A 23 12.83 14.01 20.91
C LEU A 23 11.51 13.78 21.66
N VAL A 24 11.51 13.96 22.98
CA VAL A 24 10.32 13.84 23.83
C VAL A 24 9.38 15.03 23.53
N THR A 25 9.98 16.25 23.38
CA THR A 25 9.27 17.48 23.07
C THR A 25 8.68 17.42 21.66
N GLY A 26 9.51 17.07 20.68
CA GLY A 26 9.08 16.95 19.29
C GLY A 26 8.04 15.89 19.11
N GLY A 27 8.24 14.74 19.77
CA GLY A 27 7.31 13.62 19.72
C GLY A 27 5.93 13.99 20.24
N LEU A 28 5.89 14.84 21.28
CA LEU A 28 4.62 15.30 21.86
C LEU A 28 3.86 16.19 20.87
N VAL A 29 4.58 17.04 20.14
CA VAL A 29 4.00 17.95 19.15
C VAL A 29 3.50 17.17 17.92
N PHE A 30 4.34 16.24 17.42
CA PHE A 30 4.00 15.40 16.27
C PHE A 30 2.74 14.57 16.53
N ARG A 31 2.61 14.00 17.74
CA ARG A 31 1.42 13.22 18.09
C ARG A 31 0.18 14.11 18.09
N ALA A 32 0.28 15.31 18.67
CA ALA A 32 -0.82 16.25 18.75
C ALA A 32 -1.33 16.70 17.37
N LEU A 33 -0.44 16.73 16.37
CA LEU A 33 -0.80 17.15 15.03
C LEU A 33 -1.27 15.97 14.16
N GLU A 34 -0.57 14.84 14.23
CA GLU A 34 -0.83 13.69 13.38
C GLU A 34 -1.82 12.65 13.88
N GLN A 35 -1.81 12.32 15.19
CA GLN A 35 -2.70 11.29 15.73
C GLN A 35 -4.20 11.57 15.53
N PRO A 36 -4.73 12.82 15.62
CA PRO A 36 -6.18 13.02 15.36
C PRO A 36 -6.57 12.67 13.91
N PHE A 37 -5.65 12.96 12.97
CA PHE A 37 -5.85 12.65 11.55
C PHE A 37 -5.69 11.14 11.31
N GLU A 38 -4.72 10.52 11.98
CA GLU A 38 -4.44 9.08 11.89
C GLU A 38 -5.66 8.28 12.29
N SER A 39 -6.40 8.73 13.31
CA SER A 39 -7.62 8.07 13.77
C SER A 39 -8.74 8.23 12.76
N SER A 40 -8.82 9.38 12.07
CA SER A 40 -9.81 9.64 11.03
C SER A 40 -9.55 8.76 9.79
N GLN A 41 -8.27 8.50 9.48
CA GLN A 41 -7.91 7.67 8.35
C GLN A 41 -8.15 6.18 8.66
N LYS A 42 -7.94 5.77 9.93
CA LYS A 42 -8.13 4.39 10.37
C LYS A 42 -9.59 4.01 10.37
N ASN A 43 -10.47 4.94 10.76
CA ASN A 43 -11.91 4.73 10.79
C ASN A 43 -12.51 4.68 9.38
N THR A 44 -11.94 5.45 8.45
CA THR A 44 -12.44 5.52 7.09
C THR A 44 -12.18 4.25 6.29
N ILE A 45 -10.96 3.70 6.36
CA ILE A 45 -10.64 2.46 5.64
C ILE A 45 -11.43 1.28 6.20
N ALA A 46 -11.61 1.23 7.52
CA ALA A 46 -12.37 0.18 8.19
C ALA A 46 -13.84 0.22 7.78
N LEU A 47 -14.39 1.43 7.61
CA LEU A 47 -15.77 1.60 7.20
C LEU A 47 -15.93 1.24 5.74
N GLU A 48 -15.01 1.70 4.89
CA GLU A 48 -15.07 1.42 3.47
C GLU A 48 -14.98 -0.08 3.16
N LYS A 49 -14.23 -0.83 3.98
CA LYS A 49 -14.11 -2.27 3.80
C LYS A 49 -15.38 -2.98 4.29
N ALA A 50 -15.94 -2.54 5.42
CA ALA A 50 -17.16 -3.12 5.95
C ALA A 50 -18.37 -2.87 5.04
N GLU A 51 -18.36 -1.77 4.26
CA GLU A 51 -19.44 -1.46 3.33
C GLU A 51 -19.31 -2.34 2.09
N PHE A 52 -18.08 -2.52 1.59
CA PHE A 52 -17.81 -3.34 0.42
C PHE A 52 -18.24 -4.79 0.63
N LEU A 53 -17.95 -5.35 1.81
CA LEU A 53 -18.34 -6.72 2.16
C LEU A 53 -19.85 -6.89 2.36
N ARG A 54 -20.54 -5.80 2.72
CA ARG A 54 -21.98 -5.80 2.93
C ARG A 54 -22.72 -5.65 1.60
N ASP A 55 -22.17 -4.83 0.69
CA ASP A 55 -22.77 -4.58 -0.63
C ASP A 55 -22.58 -5.77 -1.58
N HIS A 56 -21.43 -6.48 -1.45
CA HIS A 56 -21.08 -7.62 -2.30
C HIS A 56 -20.97 -8.89 -1.44
N VAL A 57 -22.07 -9.65 -1.31
CA VAL A 57 -22.14 -10.86 -0.48
C VAL A 57 -21.36 -12.08 -1.03
N CYS A 58 -20.82 -11.94 -2.23
CA CYS A 58 -20.03 -12.89 -3.02
C CYS A 58 -18.56 -12.91 -2.58
N VAL A 59 -18.06 -11.76 -2.07
CA VAL A 59 -16.68 -11.59 -1.66
C VAL A 59 -16.54 -11.83 -0.16
N SER A 60 -15.81 -12.89 0.22
CA SER A 60 -15.55 -13.24 1.62
C SER A 60 -14.57 -12.21 2.22
N PRO A 61 -14.64 -11.90 3.54
CA PRO A 61 -13.69 -10.94 4.12
C PRO A 61 -12.23 -11.33 3.93
N GLN A 62 -11.93 -12.65 3.82
CA GLN A 62 -10.57 -13.10 3.55
C GLN A 62 -10.23 -12.92 2.07
N GLU A 63 -11.20 -13.16 1.18
CA GLU A 63 -11.04 -12.92 -0.25
C GLU A 63 -10.75 -11.44 -0.55
N LEU A 64 -11.26 -10.52 0.32
CA LEU A 64 -11.02 -9.10 0.20
C LEU A 64 -9.59 -8.84 0.65
N GLU A 65 -9.19 -9.40 1.81
CA GLU A 65 -7.84 -9.29 2.37
C GLU A 65 -6.77 -9.79 1.41
N THR A 66 -7.10 -10.82 0.64
CA THR A 66 -6.16 -11.41 -0.30
C THR A 66 -5.90 -10.46 -1.46
N LEU A 67 -6.96 -9.81 -1.97
CA LEU A 67 -6.84 -8.84 -3.05
C LEU A 67 -6.20 -7.55 -2.57
N ILE A 68 -6.54 -7.07 -1.36
CA ILE A 68 -5.91 -5.86 -0.79
C ILE A 68 -4.39 -6.10 -0.69
N GLN A 69 -3.99 -7.32 -0.28
CA GLN A 69 -2.59 -7.70 -0.17
C GLN A 69 -1.91 -7.71 -1.53
N HIS A 70 -2.59 -8.18 -2.58
CA HIS A 70 -2.03 -8.17 -3.93
C HIS A 70 -1.83 -6.75 -4.43
N ALA A 71 -2.77 -5.85 -4.11
CA ALA A 71 -2.68 -4.44 -4.52
C ALA A 71 -1.53 -3.75 -3.80
N LEU A 72 -1.35 -4.07 -2.50
CA LEU A 72 -0.28 -3.51 -1.68
C LEU A 72 1.06 -4.05 -2.11
N ASP A 73 1.14 -5.33 -2.46
CA ASP A 73 2.37 -5.96 -2.92
C ASP A 73 2.85 -5.28 -4.19
N ALA A 74 1.93 -5.00 -5.11
CA ALA A 74 2.25 -4.35 -6.39
C ALA A 74 2.65 -2.90 -6.20
N ASP A 75 2.08 -2.22 -5.21
CA ASP A 75 2.41 -0.84 -4.90
C ASP A 75 3.83 -0.77 -4.32
N ASN A 76 4.16 -1.69 -3.39
CA ASN A 76 5.49 -1.78 -2.78
C ASN A 76 6.57 -2.02 -3.82
N ALA A 77 6.25 -2.79 -4.87
CA ALA A 77 7.18 -3.07 -5.94
C ALA A 77 7.37 -1.90 -6.91
N GLY A 78 6.41 -0.97 -6.97
CA GLY A 78 6.52 0.17 -7.86
C GLY A 78 5.43 0.24 -8.92
N VAL A 79 4.78 -0.88 -9.22
CA VAL A 79 3.70 -0.92 -10.21
C VAL A 79 2.39 -0.48 -9.56
N SER A 80 1.73 0.55 -10.11
CA SER A 80 0.47 1.03 -9.54
C SER A 80 -0.66 0.07 -9.90
N PRO A 81 -1.40 -0.45 -8.90
CA PRO A 81 -2.52 -1.34 -9.23
C PRO A 81 -3.65 -0.60 -9.97
N ILE A 82 -3.85 0.70 -9.67
CA ILE A 82 -4.85 1.53 -10.34
C ILE A 82 -4.44 1.73 -11.80
N GLY A 83 -5.30 1.35 -12.73
CA GLY A 83 -5.03 1.53 -14.15
C GLY A 83 -4.76 0.28 -14.93
N ASN A 84 -4.75 0.40 -16.26
CA ASN A 84 -4.54 -0.74 -17.16
C ASN A 84 -3.09 -0.83 -17.63
N SER A 90 8.43 3.23 -16.80
CA SER A 90 9.18 2.32 -15.95
C SER A 90 10.11 3.06 -14.99
N HIS A 91 10.22 2.59 -13.73
CA HIS A 91 11.12 3.22 -12.76
C HIS A 91 12.59 2.81 -12.95
N TRP A 92 12.88 1.80 -13.80
CA TRP A 92 14.25 1.35 -13.98
C TRP A 92 14.81 1.65 -15.35
N ASP A 93 14.29 2.69 -16.02
CA ASP A 93 14.83 3.09 -17.33
C ASP A 93 16.23 3.74 -17.15
N LEU A 94 17.00 3.89 -18.24
CA LEU A 94 18.35 4.46 -18.21
C LEU A 94 18.55 5.66 -17.26
N GLY A 95 17.62 6.59 -17.28
CA GLY A 95 17.69 7.80 -16.46
C GLY A 95 17.15 7.64 -15.05
N SER A 96 16.03 6.93 -14.89
CA SER A 96 15.41 6.73 -13.59
C SER A 96 16.29 5.84 -12.69
N ALA A 97 16.98 4.85 -13.28
CA ALA A 97 17.89 3.97 -12.55
C ALA A 97 19.16 4.71 -12.14
N PHE A 98 19.60 5.67 -12.96
CA PHE A 98 20.75 6.53 -12.69
C PHE A 98 20.39 7.44 -11.50
N PHE A 99 19.17 8.00 -11.51
CA PHE A 99 18.71 8.86 -10.44
C PHE A 99 18.56 8.07 -9.14
N PHE A 100 18.15 6.79 -9.22
CA PHE A 100 18.03 5.92 -8.03
C PHE A 100 19.41 5.71 -7.43
N ALA A 101 20.42 5.48 -8.27
CA ALA A 101 21.79 5.28 -7.80
C ALA A 101 22.29 6.51 -7.05
N GLY A 102 21.99 7.69 -7.56
CA GLY A 102 22.33 8.97 -6.94
C GLY A 102 21.60 9.19 -5.63
N THR A 103 20.37 8.69 -5.54
CA THR A 103 19.53 8.75 -4.34
C THR A 103 20.15 7.92 -3.20
N VAL A 104 20.83 6.81 -3.54
CA VAL A 104 21.49 5.95 -2.58
C VAL A 104 22.78 6.66 -2.07
N ILE A 105 23.62 7.13 -3.00
CA ILE A 105 24.90 7.80 -2.75
C ILE A 105 24.76 9.04 -1.89
N THR A 106 23.74 9.85 -2.16
CA THR A 106 23.48 11.06 -1.39
C THR A 106 22.85 10.81 -0.02
N THR A 107 22.69 9.53 0.39
CA THR A 107 22.05 9.11 1.65
C THR A 107 20.65 9.70 1.80
N ILE A 108 19.96 9.94 0.69
CA ILE A 108 18.62 10.49 0.73
C ILE A 108 17.65 9.33 0.90
N GLY A 109 17.73 8.34 0.01
CA GLY A 109 16.90 7.15 0.03
C GLY A 109 15.41 7.41 0.18
N TYR A 110 14.78 7.94 -0.88
CA TYR A 110 13.36 8.28 -0.85
C TYR A 110 12.48 7.12 -0.41
N GLY A 111 12.61 5.97 -1.07
CA GLY A 111 11.84 4.80 -0.69
C GLY A 111 10.58 4.55 -1.48
N ASN A 112 10.28 5.41 -2.47
CA ASN A 112 9.12 5.19 -3.34
C ASN A 112 9.38 3.91 -4.18
N ILE A 113 10.64 3.75 -4.65
CA ILE A 113 11.15 2.60 -5.37
C ILE A 113 12.32 2.07 -4.54
N ALA A 114 12.42 0.75 -4.39
CA ALA A 114 13.50 0.14 -3.60
C ALA A 114 13.85 -1.26 -4.14
N PRO A 115 15.09 -1.75 -3.97
CA PRO A 115 15.46 -3.06 -4.52
C PRO A 115 14.68 -4.24 -3.95
N SER A 116 13.68 -4.71 -4.70
CA SER A 116 12.80 -5.82 -4.33
C SER A 116 13.45 -7.20 -4.55
N THR A 117 14.38 -7.30 -5.50
CA THR A 117 15.04 -8.58 -5.79
C THR A 117 16.09 -8.95 -4.74
N GLU A 118 16.48 -10.23 -4.71
CA GLU A 118 17.48 -10.73 -3.78
C GLU A 118 18.86 -10.17 -4.14
N GLY A 119 19.19 -10.18 -5.42
CA GLY A 119 20.46 -9.67 -5.90
C GLY A 119 20.57 -8.15 -5.87
N GLY A 120 19.44 -7.48 -6.01
CA GLY A 120 19.40 -6.03 -5.98
C GLY A 120 19.67 -5.49 -4.59
N LYS A 121 19.20 -6.20 -3.56
CA LYS A 121 19.42 -5.81 -2.18
C LYS A 121 20.90 -6.04 -1.80
N ILE A 122 21.53 -7.13 -2.31
CA ILE A 122 22.94 -7.43 -2.04
C ILE A 122 23.81 -6.36 -2.69
N PHE A 123 23.53 -6.03 -3.96
CA PHE A 123 24.27 -5.01 -4.70
C PHE A 123 24.11 -3.65 -4.05
N CYS A 124 22.91 -3.34 -3.52
CA CYS A 124 22.64 -2.05 -2.87
C CYS A 124 23.42 -1.91 -1.57
N ILE A 125 23.62 -3.01 -0.83
CA ILE A 125 24.38 -3.02 0.42
C ILE A 125 25.83 -2.61 0.13
N LEU A 126 26.44 -3.26 -0.86
CA LEU A 126 27.81 -3.01 -1.28
C LEU A 126 27.95 -1.66 -1.98
N TYR A 127 26.94 -1.26 -2.75
CA TYR A 127 26.91 -0.01 -3.49
C TYR A 127 26.93 1.19 -2.55
N ALA A 128 26.22 1.10 -1.42
CA ALA A 128 26.18 2.18 -0.44
C ALA A 128 27.49 2.23 0.36
N ILE A 129 28.01 1.05 0.73
CA ILE A 129 29.26 0.91 1.49
C ILE A 129 30.42 1.62 0.81
N PHE A 130 30.55 1.43 -0.51
CA PHE A 130 31.64 2.04 -1.27
C PHE A 130 31.27 3.38 -1.91
N GLY A 131 29.99 3.59 -2.19
CA GLY A 131 29.52 4.79 -2.86
C GLY A 131 29.35 6.04 -2.02
N ILE A 132 28.93 5.90 -0.76
CA ILE A 132 28.76 7.04 0.12
C ILE A 132 30.11 7.76 0.42
N PRO A 133 31.23 7.04 0.70
CA PRO A 133 32.51 7.75 0.90
C PRO A 133 33.08 8.36 -0.39
N LEU A 134 32.66 7.86 -1.56
CA LEU A 134 33.07 8.40 -2.86
C LEU A 134 32.43 9.78 -3.06
N PHE A 135 31.14 9.91 -2.69
CA PHE A 135 30.41 11.16 -2.76
C PHE A 135 30.95 12.19 -1.75
N GLY A 136 31.39 11.72 -0.60
CA GLY A 136 31.96 12.56 0.44
C GLY A 136 33.23 13.25 -0.02
N PHE A 137 34.03 12.55 -0.84
CA PHE A 137 35.25 13.14 -1.40
C PHE A 137 34.90 14.21 -2.45
N LEU A 138 33.78 14.03 -3.20
CA LEU A 138 33.31 15.00 -4.18
C LEU A 138 32.73 16.21 -3.45
N LEU A 139 32.01 16.00 -2.34
CA LEU A 139 31.47 17.08 -1.53
C LEU A 139 32.59 17.89 -0.91
N ALA A 140 33.70 17.23 -0.51
CA ALA A 140 34.87 17.90 0.05
C ALA A 140 35.52 18.80 -1.01
N GLY A 141 35.61 18.30 -2.24
CA GLY A 141 36.19 19.05 -3.35
C GLY A 141 35.37 20.27 -3.72
N ILE A 142 34.04 20.14 -3.74
CA ILE A 142 33.15 21.27 -4.05
C ILE A 142 33.11 22.28 -2.88
N GLY A 143 33.24 21.78 -1.66
CA GLY A 143 33.26 22.61 -0.45
C GLY A 143 34.52 23.46 -0.33
N ASP A 144 35.64 22.97 -0.88
CA ASP A 144 36.90 23.70 -0.86
C ASP A 144 36.84 24.89 -1.83
N GLN A 145 36.25 24.67 -3.01
CA GLN A 145 36.07 25.73 -4.01
C GLN A 145 35.02 26.75 -3.55
N LEU A 146 33.97 26.27 -2.85
CA LEU A 146 32.92 27.13 -2.31
C LEU A 146 33.42 27.96 -1.12
N GLY A 147 34.37 27.41 -0.35
CA GLY A 147 34.96 28.10 0.79
C GLY A 147 35.82 29.28 0.39
N THR A 148 36.50 29.16 -0.77
CA THR A 148 37.32 30.25 -1.29
C THR A 148 36.43 31.39 -1.82
N ILE A 149 35.28 31.05 -2.42
CA ILE A 149 34.32 32.03 -2.90
C ILE A 149 33.64 32.72 -1.72
N PHE A 150 33.33 31.96 -0.64
CA PHE A 150 32.71 32.46 0.58
C PHE A 150 33.67 33.41 1.33
N GLY A 151 34.96 33.08 1.33
CA GLY A 151 35.97 33.91 1.96
C GLY A 151 36.13 35.26 1.27
N LYS A 152 35.96 35.28 -0.06
CA LYS A 152 36.06 36.50 -0.85
C LYS A 152 34.75 37.28 -0.80
N SER A 167 32.92 42.82 18.74
CA SER A 167 32.96 43.35 17.38
C SER A 167 33.77 42.45 16.44
N GLN A 168 34.83 41.81 16.95
CA GLN A 168 35.67 40.93 16.14
C GLN A 168 34.99 39.60 15.88
N THR A 169 34.31 39.06 16.90
CA THR A 169 33.57 37.80 16.78
C THR A 169 32.22 38.00 16.08
N LYS A 170 31.61 39.19 16.23
CA LYS A 170 30.33 39.52 15.61
C LYS A 170 30.46 39.86 14.12
N ILE A 171 31.65 40.30 13.68
CA ILE A 171 31.89 40.62 12.27
C ILE A 171 31.93 39.33 11.44
N ARG A 172 32.56 38.28 11.97
CA ARG A 172 32.65 36.97 11.33
C ARG A 172 31.29 36.25 11.32
N VAL A 173 30.46 36.51 12.34
CA VAL A 173 29.12 35.92 12.43
C VAL A 173 28.09 36.69 11.59
N ILE A 174 28.34 37.99 11.33
CA ILE A 174 27.47 38.84 10.51
C ILE A 174 27.53 38.38 9.05
N SER A 175 28.75 38.07 8.56
CA SER A 175 28.98 37.57 7.21
C SER A 175 28.42 36.15 7.01
N THR A 176 28.32 35.36 8.09
CA THR A 176 27.78 34.01 8.08
C THR A 176 26.25 34.04 7.86
N ILE A 177 25.57 35.07 8.41
CA ILE A 177 24.13 35.27 8.25
C ILE A 177 23.82 35.68 6.79
N LEU A 178 24.71 36.48 6.19
CA LEU A 178 24.59 36.95 4.82
C LEU A 178 24.68 35.80 3.82
N PHE A 179 25.63 34.87 4.02
CA PHE A 179 25.80 33.73 3.14
C PHE A 179 24.68 32.70 3.30
N ILE A 180 24.13 32.56 4.51
CA ILE A 180 23.05 31.61 4.78
C ILE A 180 21.72 32.08 4.21
N LEU A 181 21.45 33.39 4.30
CA LEU A 181 20.19 33.95 3.79
C LEU A 181 20.17 33.95 2.27
N ALA A 182 21.30 34.30 1.63
CA ALA A 182 21.40 34.31 0.18
C ALA A 182 21.26 32.91 -0.40
N GLY A 183 21.83 31.92 0.28
CA GLY A 183 21.75 30.52 -0.13
C GLY A 183 20.33 30.00 -0.07
N CYS A 184 19.51 30.50 0.86
CA CYS A 184 18.12 30.10 0.99
C CYS A 184 17.20 30.73 -0.06
N ILE A 185 17.69 31.69 -0.84
CA ILE A 185 16.94 32.33 -1.92
C ILE A 185 17.25 31.64 -3.26
N VAL A 186 18.51 31.23 -3.45
CA VAL A 186 18.98 30.57 -4.67
C VAL A 186 18.79 29.06 -4.65
N PHE A 187 19.18 28.38 -3.55
CA PHE A 187 19.07 26.92 -3.46
C PHE A 187 17.79 26.40 -2.81
N VAL A 188 17.06 27.26 -2.09
CA VAL A 188 15.84 26.83 -1.40
C VAL A 188 14.58 27.47 -1.98
N THR A 189 14.55 28.80 -2.07
CA THR A 189 13.39 29.54 -2.57
C THR A 189 13.18 29.37 -4.08
N ILE A 190 14.23 29.65 -4.88
CA ILE A 190 14.18 29.54 -6.34
C ILE A 190 13.74 28.14 -6.85
N PRO A 191 14.32 27.01 -6.37
CA PRO A 191 13.88 25.70 -6.87
C PRO A 191 12.47 25.34 -6.42
N ALA A 192 12.04 25.82 -5.23
CA ALA A 192 10.68 25.54 -4.75
C ALA A 192 9.63 26.18 -5.65
N VAL A 193 9.96 27.31 -6.32
CA VAL A 193 9.08 27.99 -7.27
C VAL A 193 8.88 27.09 -8.49
N ILE A 194 9.97 26.49 -8.98
CA ILE A 194 9.99 25.56 -10.11
C ILE A 194 9.17 24.31 -9.81
N PHE A 195 9.31 23.76 -8.59
CA PHE A 195 8.57 22.56 -8.18
C PHE A 195 7.07 22.85 -8.05
N LYS A 196 6.71 24.05 -7.59
CA LYS A 196 5.30 24.43 -7.44
C LYS A 196 4.61 24.61 -8.78
N TYR A 197 5.35 25.05 -9.82
CA TYR A 197 4.78 25.25 -11.15
C TYR A 197 4.85 24.00 -12.01
N ILE A 198 5.90 23.18 -11.83
CA ILE A 198 6.05 21.96 -12.63
C ILE A 198 5.26 20.79 -12.05
N GLU A 199 5.49 20.46 -10.77
CA GLU A 199 4.77 19.36 -10.13
C GLU A 199 3.35 19.70 -9.68
N GLY A 200 3.02 21.00 -9.60
CA GLY A 200 1.70 21.45 -9.18
C GLY A 200 1.45 21.33 -7.68
N TRP A 201 2.52 21.17 -6.90
CA TRP A 201 2.44 21.04 -5.44
C TRP A 201 2.08 22.36 -4.75
N THR A 202 1.62 22.29 -3.48
CA THR A 202 1.28 23.48 -2.69
C THR A 202 2.53 24.31 -2.34
N ALA A 203 2.36 25.53 -1.82
CA ALA A 203 3.49 26.37 -1.43
C ALA A 203 4.29 25.72 -0.29
N LEU A 204 3.59 25.07 0.65
CA LEU A 204 4.23 24.38 1.77
C LEU A 204 4.87 23.08 1.29
N GLU A 205 4.17 22.31 0.44
CA GLU A 205 4.66 21.03 -0.09
C GLU A 205 5.92 21.18 -0.93
N SER A 206 6.08 22.33 -1.60
CA SER A 206 7.25 22.61 -2.44
C SER A 206 8.47 22.91 -1.55
N ILE A 207 8.27 23.62 -0.43
CA ILE A 207 9.37 23.93 0.49
C ILE A 207 9.74 22.69 1.29
N TYR A 208 8.72 21.94 1.76
CA TYR A 208 8.88 20.71 2.51
C TYR A 208 9.67 19.68 1.72
N PHE A 209 9.46 19.62 0.40
CA PHE A 209 10.23 18.68 -0.44
C PHE A 209 11.69 19.13 -0.47
N VAL A 210 11.94 20.41 -0.71
CA VAL A 210 13.28 20.98 -0.77
C VAL A 210 14.05 20.73 0.53
N VAL A 211 13.44 21.04 1.68
CA VAL A 211 14.04 20.85 3.00
C VAL A 211 14.35 19.37 3.29
N VAL A 212 13.38 18.47 3.08
CA VAL A 212 13.58 17.05 3.33
C VAL A 212 14.63 16.45 2.37
N THR A 213 14.73 16.98 1.14
CA THR A 213 15.71 16.52 0.14
C THR A 213 17.11 17.00 0.50
N LEU A 214 17.28 18.30 0.77
CA LEU A 214 18.58 18.88 1.09
C LEU A 214 19.14 18.39 2.42
N THR A 215 18.27 18.02 3.36
CA THR A 215 18.72 17.49 4.66
C THR A 215 19.00 15.97 4.61
N THR A 216 19.03 15.36 3.41
CA THR A 216 19.24 13.93 3.14
C THR A 216 18.30 13.02 3.93
N VAL A 217 17.13 13.54 4.33
CA VAL A 217 16.17 12.78 5.11
C VAL A 217 15.49 11.77 4.20
N GLY A 218 14.95 12.25 3.07
CA GLY A 218 14.33 11.42 2.05
C GLY A 218 13.16 10.57 2.52
N PHE A 219 12.06 11.22 2.89
CA PHE A 219 10.86 10.50 3.30
C PHE A 219 10.24 9.75 2.12
N GLY A 220 10.25 10.37 0.95
CA GLY A 220 9.70 9.75 -0.25
C GLY A 220 8.24 10.06 -0.51
N ASP A 221 7.59 10.80 0.41
CA ASP A 221 6.19 11.21 0.24
C ASP A 221 6.00 12.15 -0.97
N PHE A 222 7.07 12.85 -1.35
CA PHE A 222 7.13 13.74 -2.51
C PHE A 222 8.47 13.44 -3.19
N VAL A 223 8.45 13.12 -4.48
CA VAL A 223 9.68 12.84 -5.25
C VAL A 223 9.59 13.61 -6.57
N ALA A 224 10.70 14.23 -6.98
CA ALA A 224 10.74 14.99 -8.23
C ALA A 224 10.56 14.06 -9.44
N GLY A 225 9.68 14.43 -10.35
CA GLY A 225 9.39 13.63 -11.54
C GLY A 225 8.45 12.46 -11.27
N GLY A 226 7.22 12.78 -10.89
CA GLY A 226 6.21 11.76 -10.60
C GLY A 226 5.43 11.36 -11.82
N TYR A 232 6.76 15.09 -18.18
CA TYR A 232 6.60 16.42 -18.76
C TYR A 232 7.84 16.88 -19.52
N ARG A 233 9.04 16.61 -18.97
CA ARG A 233 10.29 17.01 -19.64
C ARG A 233 11.41 16.00 -19.37
N GLU A 234 12.25 15.73 -20.37
CA GLU A 234 13.37 14.79 -20.22
C GLU A 234 14.55 15.43 -19.44
N TRP A 235 14.68 16.77 -19.50
CA TRP A 235 15.71 17.51 -18.77
C TRP A 235 15.33 17.75 -17.27
N TYR A 236 14.11 17.31 -16.85
CA TYR A 236 13.63 17.47 -15.47
C TYR A 236 14.34 16.57 -14.46
N LYS A 237 14.59 15.29 -14.79
CA LYS A 237 15.32 14.39 -13.89
C LYS A 237 16.81 14.77 -13.70
N PRO A 238 17.59 15.11 -14.76
CA PRO A 238 18.99 15.52 -14.53
C PRO A 238 19.13 16.88 -13.85
N LEU A 239 18.15 17.77 -14.02
CA LEU A 239 18.19 19.07 -13.35
C LEU A 239 17.89 18.96 -11.84
N VAL A 240 17.20 17.88 -11.41
CA VAL A 240 16.88 17.66 -10.01
C VAL A 240 18.14 17.18 -9.30
N TRP A 241 18.86 16.19 -9.86
CA TRP A 241 20.09 15.68 -9.24
C TRP A 241 21.20 16.74 -9.25
N PHE A 242 21.24 17.63 -10.26
CA PHE A 242 22.26 18.70 -10.26
C PHE A 242 21.94 19.70 -9.16
N TRP A 243 20.65 20.00 -8.93
CA TRP A 243 20.24 20.89 -7.86
C TRP A 243 20.59 20.27 -6.50
N ILE A 244 20.41 18.95 -6.38
CA ILE A 244 20.74 18.21 -5.16
C ILE A 244 22.25 18.25 -4.93
N LEU A 245 23.06 18.11 -5.99
CA LEU A 245 24.52 18.14 -5.93
C LEU A 245 25.07 19.51 -5.51
N VAL A 246 24.59 20.59 -6.15
CA VAL A 246 25.09 21.92 -5.83
C VAL A 246 24.52 22.43 -4.51
N GLY A 247 23.24 22.18 -4.29
CA GLY A 247 22.56 22.58 -3.06
C GLY A 247 23.08 21.87 -1.83
N LEU A 248 23.46 20.59 -1.98
CA LEU A 248 23.98 19.82 -0.86
C LEU A 248 25.40 20.26 -0.53
N ALA A 249 26.24 20.45 -1.56
CA ALA A 249 27.62 20.88 -1.35
C ALA A 249 27.77 22.35 -0.93
N TYR A 250 26.69 23.14 -0.99
CA TYR A 250 26.76 24.54 -0.58
C TYR A 250 26.45 24.68 0.90
N PHE A 251 25.36 24.05 1.36
CA PHE A 251 24.97 24.13 2.76
C PHE A 251 25.87 23.33 3.68
N ALA A 252 26.47 22.24 3.18
CA ALA A 252 27.41 21.45 3.98
C ALA A 252 28.73 22.22 4.15
N ALA A 253 29.16 22.96 3.12
CA ALA A 253 30.37 23.77 3.16
C ALA A 253 30.19 24.99 4.08
N VAL A 254 28.97 25.53 4.17
CA VAL A 254 28.67 26.66 5.06
C VAL A 254 28.70 26.16 6.51
N LEU A 255 28.13 24.96 6.77
CA LEU A 255 28.14 24.34 8.09
C LEU A 255 29.57 23.95 8.52
N SER A 256 30.45 23.61 7.54
CA SER A 256 31.84 23.24 7.75
C SER A 256 32.71 24.48 8.02
N MET A 257 32.52 25.57 7.23
CA MET A 257 33.27 26.81 7.43
C MET A 257 32.82 27.53 8.72
N ILE A 258 31.55 27.34 9.13
CA ILE A 258 31.01 27.89 10.37
C ILE A 258 31.46 27.04 11.56
N GLY A 259 31.49 25.71 11.38
CA GLY A 259 31.96 24.77 12.39
C GLY A 259 33.45 24.88 12.68
N ASP A 260 34.23 25.33 11.67
CA ASP A 260 35.67 25.55 11.81
C ASP A 260 35.91 26.82 12.64
N TRP A 261 35.11 27.88 12.40
CA TRP A 261 35.21 29.12 13.16
C TRP A 261 34.68 28.91 14.60
N LEU A 262 33.65 28.05 14.75
CA LEU A 262 33.08 27.71 16.05
C LEU A 262 34.07 26.90 16.89
N ARG A 263 34.92 26.07 16.23
CA ARG A 263 35.95 25.29 16.91
C ARG A 263 37.06 26.21 17.44
N VAL A 264 37.40 27.27 16.67
CA VAL A 264 38.38 28.28 17.06
C VAL A 264 37.83 29.15 18.18
N LEU A 265 36.53 29.49 18.12
CA LEU A 265 35.85 30.28 19.14
C LEU A 265 35.65 29.48 20.44
N SER A 266 35.53 28.14 20.34
CA SER A 266 35.41 27.25 21.49
C SER A 266 36.74 27.15 22.24
N LYS A 267 37.87 27.32 21.54
CA LYS A 267 39.21 27.31 22.12
C LYS A 267 39.43 28.59 22.94
N LYS A 268 38.96 29.74 22.43
CA LYS A 268 39.05 31.02 23.13
C LYS A 268 38.07 31.07 24.31
N THR A 269 36.91 30.39 24.19
CA THR A 269 35.90 30.29 25.24
C THR A 269 36.35 29.34 26.34
N LYS A 270 37.11 28.29 26.00
CA LYS A 270 37.64 27.34 26.99
C LYS A 270 38.79 27.97 27.79
N GLU A 271 39.55 28.88 27.17
CA GLU A 271 40.65 29.59 27.85
C GLU A 271 40.12 30.71 28.76
N GLU A 272 38.93 31.25 28.48
CA GLU A 272 38.34 32.30 29.30
C GLU A 272 37.49 31.69 30.41
N VAL A 273 36.73 30.62 30.08
CA VAL A 273 35.87 29.93 31.03
C VAL A 273 35.95 28.41 30.85
N LYS B 8 42.89 21.11 -5.14
CA LYS B 8 43.00 21.58 -6.52
C LYS B 8 41.68 21.38 -7.26
N TRP B 9 41.35 22.30 -8.19
CA TRP B 9 40.11 22.19 -8.98
C TRP B 9 40.15 21.05 -10.00
N LYS B 10 41.35 20.62 -10.43
CA LYS B 10 41.53 19.52 -11.37
C LYS B 10 41.00 18.22 -10.77
N THR B 11 41.27 18.00 -9.48
CA THR B 11 40.82 16.83 -8.74
C THR B 11 39.30 16.85 -8.45
N VAL B 12 38.67 18.03 -8.48
CA VAL B 12 37.23 18.19 -8.28
C VAL B 12 36.49 17.70 -9.52
N VAL B 13 36.99 18.09 -10.72
CA VAL B 13 36.40 17.65 -11.99
C VAL B 13 36.64 16.15 -12.19
N ALA B 14 37.82 15.65 -11.76
CA ALA B 14 38.15 14.23 -11.85
C ALA B 14 37.23 13.41 -10.94
N ILE B 15 37.02 13.87 -9.67
CA ILE B 15 36.13 13.18 -8.73
C ILE B 15 34.68 13.23 -9.20
N PHE B 16 34.28 14.33 -9.86
CA PHE B 16 32.94 14.50 -10.41
C PHE B 16 32.70 13.50 -11.53
N VAL B 17 33.68 13.34 -12.43
CA VAL B 17 33.55 12.38 -13.54
C VAL B 17 33.49 10.94 -13.03
N VAL B 18 34.25 10.63 -11.96
CA VAL B 18 34.25 9.30 -11.34
C VAL B 18 32.90 9.03 -10.69
N VAL B 19 32.33 10.04 -10.01
CA VAL B 19 31.01 9.91 -9.39
C VAL B 19 29.94 9.68 -10.47
N VAL B 20 29.98 10.46 -11.57
CA VAL B 20 29.00 10.34 -12.66
C VAL B 20 29.05 8.96 -13.34
N VAL B 21 30.26 8.41 -13.63
CA VAL B 21 30.35 7.09 -14.24
C VAL B 21 29.95 5.98 -13.26
N TYR B 22 30.13 6.20 -11.93
CA TYR B 22 29.73 5.24 -10.90
C TYR B 22 28.20 5.12 -10.86
N LEU B 23 27.47 6.22 -11.10
CA LEU B 23 26.00 6.21 -11.14
C LEU B 23 25.48 5.57 -12.44
N VAL B 24 26.22 5.72 -13.54
CA VAL B 24 25.88 5.12 -14.83
C VAL B 24 26.10 3.59 -14.74
N THR B 25 27.21 3.19 -14.09
CA THR B 25 27.58 1.80 -13.86
C THR B 25 26.59 1.12 -12.92
N GLY B 26 26.33 1.74 -11.77
CA GLY B 26 25.39 1.23 -10.79
C GLY B 26 23.98 1.14 -11.34
N GLY B 27 23.58 2.18 -12.06
CA GLY B 27 22.26 2.24 -12.68
C GLY B 27 22.03 1.12 -13.68
N LEU B 28 23.10 0.74 -14.42
CA LEU B 28 23.02 -0.34 -15.39
C LEU B 28 22.82 -1.69 -14.69
N VAL B 29 23.49 -1.89 -13.53
CA VAL B 29 23.37 -3.12 -12.75
C VAL B 29 21.99 -3.22 -12.09
N PHE B 30 21.52 -2.11 -11.50
CA PHE B 30 20.22 -2.05 -10.84
C PHE B 30 19.10 -2.36 -11.81
N ARG B 31 19.15 -1.81 -13.04
CA ARG B 31 18.13 -2.08 -14.05
C ARG B 31 18.13 -3.55 -14.43
N ALA B 32 19.32 -4.14 -14.63
CA ALA B 32 19.47 -5.55 -15.01
C ALA B 32 18.92 -6.51 -13.96
N LEU B 33 18.93 -6.10 -12.67
CA LEU B 33 18.43 -6.94 -11.60
C LEU B 33 16.95 -6.71 -11.32
N GLU B 34 16.52 -5.44 -11.31
CA GLU B 34 15.16 -5.06 -10.95
C GLU B 34 14.13 -5.00 -12.07
N GLN B 35 14.48 -4.48 -13.25
CA GLN B 35 13.51 -4.36 -14.36
C GLN B 35 12.85 -5.69 -14.82
N PRO B 36 13.56 -6.85 -14.88
CA PRO B 36 12.86 -8.09 -15.26
C PRO B 36 11.79 -8.50 -14.25
N PHE B 37 12.05 -8.23 -12.96
CA PHE B 37 11.11 -8.51 -11.88
C PHE B 37 9.97 -7.50 -11.89
N GLU B 38 10.26 -6.22 -12.19
CA GLU B 38 9.28 -5.14 -12.27
C GLU B 38 8.21 -5.46 -13.33
N SER B 39 8.63 -6.06 -14.45
CA SER B 39 7.71 -6.47 -15.51
C SER B 39 6.85 -7.66 -15.08
N SER B 40 7.42 -8.57 -14.28
CA SER B 40 6.70 -9.73 -13.73
C SER B 40 5.71 -9.29 -12.66
N GLN B 41 5.98 -8.21 -11.93
CA GLN B 41 5.06 -7.68 -10.92
C GLN B 41 3.91 -6.92 -11.59
N LYS B 42 4.17 -6.25 -12.73
CA LYS B 42 3.15 -5.51 -13.48
C LYS B 42 2.13 -6.46 -14.11
N ASN B 43 2.61 -7.60 -14.62
CA ASN B 43 1.75 -8.61 -15.23
C ASN B 43 0.93 -9.37 -14.18
N THR B 44 1.48 -9.54 -12.97
CA THR B 44 0.83 -10.28 -11.89
C THR B 44 -0.35 -9.52 -11.31
N ILE B 45 -0.22 -8.21 -11.04
CA ILE B 45 -1.33 -7.43 -10.50
C ILE B 45 -2.46 -7.30 -11.53
N ALA B 46 -2.12 -7.16 -12.81
CA ALA B 46 -3.10 -7.07 -13.89
C ALA B 46 -3.88 -8.39 -14.02
N LEU B 47 -3.20 -9.52 -13.84
CA LEU B 47 -3.81 -10.83 -13.92
C LEU B 47 -4.67 -11.07 -12.71
N GLU B 48 -4.17 -10.75 -11.50
CA GLU B 48 -4.90 -10.94 -10.25
C GLU B 48 -6.20 -10.14 -10.24
N LYS B 49 -6.21 -8.96 -10.87
CA LYS B 49 -7.41 -8.14 -10.93
C LYS B 49 -8.41 -8.71 -11.94
N ALA B 50 -7.91 -9.17 -13.10
CA ALA B 50 -8.76 -9.78 -14.12
C ALA B 50 -9.41 -11.10 -13.66
N GLU B 51 -8.75 -11.83 -12.73
CA GLU B 51 -9.27 -13.07 -12.17
C GLU B 51 -10.34 -12.76 -11.15
N PHE B 52 -10.10 -11.75 -10.30
CA PHE B 52 -11.05 -11.33 -9.27
C PHE B 52 -12.38 -10.90 -9.86
N LEU B 53 -12.34 -10.12 -10.95
CA LEU B 53 -13.54 -9.65 -11.64
C LEU B 53 -14.28 -10.77 -12.37
N ARG B 54 -13.57 -11.83 -12.76
CA ARG B 54 -14.15 -12.98 -13.45
C ARG B 54 -14.79 -13.93 -12.45
N ASP B 55 -14.18 -14.09 -11.26
CA ASP B 55 -14.71 -14.99 -10.25
C ASP B 55 -15.88 -14.39 -9.48
N HIS B 56 -15.89 -13.07 -9.32
CA HIS B 56 -16.95 -12.35 -8.62
C HIS B 56 -17.68 -11.42 -9.60
N VAL B 57 -18.76 -11.91 -10.24
CA VAL B 57 -19.52 -11.15 -11.24
C VAL B 57 -20.37 -9.99 -10.68
N CYS B 58 -20.40 -9.85 -9.37
CA CYS B 58 -21.10 -8.85 -8.56
C CYS B 58 -20.31 -7.53 -8.47
N VAL B 59 -18.97 -7.62 -8.55
CA VAL B 59 -18.08 -6.48 -8.43
C VAL B 59 -17.72 -5.94 -9.81
N SER B 60 -18.13 -4.69 -10.10
CA SER B 60 -17.84 -4.02 -11.37
C SER B 60 -16.35 -3.64 -11.40
N PRO B 61 -15.71 -3.60 -12.59
CA PRO B 61 -14.29 -3.21 -12.64
C PRO B 61 -14.01 -1.83 -12.05
N GLN B 62 -14.99 -0.92 -12.08
CA GLN B 62 -14.83 0.39 -11.47
C GLN B 62 -15.01 0.28 -9.96
N GLU B 63 -15.94 -0.56 -9.50
CA GLU B 63 -16.13 -0.82 -8.07
C GLU B 63 -14.87 -1.43 -7.43
N LEU B 64 -14.08 -2.16 -8.23
CA LEU B 64 -12.82 -2.74 -7.77
C LEU B 64 -11.80 -1.62 -7.67
N GLU B 65 -11.67 -0.80 -8.73
CA GLU B 65 -10.77 0.35 -8.77
C GLU B 65 -11.02 1.34 -7.65
N THR B 66 -12.27 1.49 -7.23
CA THR B 66 -12.65 2.42 -6.16
C THR B 66 -12.10 1.91 -4.83
N LEU B 67 -12.22 0.60 -4.59
CA LEU B 67 -11.72 -0.02 -3.36
C LEU B 67 -10.19 -0.10 -3.38
N ILE B 68 -9.58 -0.40 -4.55
CA ILE B 68 -8.12 -0.43 -4.69
C ILE B 68 -7.54 0.95 -4.37
N GLN B 69 -8.26 2.03 -4.73
CA GLN B 69 -7.85 3.40 -4.44
C GLN B 69 -7.97 3.70 -2.94
N HIS B 70 -9.03 3.21 -2.28
CA HIS B 70 -9.21 3.39 -0.85
C HIS B 70 -8.12 2.70 -0.06
N ALA B 71 -7.70 1.50 -0.52
CA ALA B 71 -6.64 0.75 0.14
C ALA B 71 -5.32 1.51 -0.01
N LEU B 72 -5.05 2.04 -1.21
CA LEU B 72 -3.83 2.80 -1.48
C LEU B 72 -3.79 4.09 -0.68
N ASP B 73 -4.93 4.78 -0.56
CA ASP B 73 -5.05 6.03 0.18
C ASP B 73 -4.74 5.83 1.65
N ALA B 74 -5.24 4.73 2.24
CA ALA B 74 -4.99 4.43 3.64
C ALA B 74 -3.52 4.11 3.87
N ASP B 75 -2.88 3.40 2.94
CA ASP B 75 -1.46 3.05 3.04
C ASP B 75 -0.58 4.28 3.00
N ASN B 76 -0.94 5.27 2.16
CA ASN B 76 -0.20 6.53 2.08
C ASN B 76 -0.32 7.31 3.38
N ALA B 77 -1.48 7.23 4.04
CA ALA B 77 -1.70 7.90 5.32
C ALA B 77 -0.99 7.22 6.50
N GLY B 78 -0.69 5.93 6.38
CA GLY B 78 0.00 5.20 7.44
C GLY B 78 -0.78 4.04 8.02
N VAL B 79 -2.10 4.05 7.85
CA VAL B 79 -2.94 2.98 8.35
C VAL B 79 -2.96 1.81 7.37
N SER B 80 -2.60 0.60 7.82
CA SER B 80 -2.58 -0.57 6.94
C SER B 80 -4.00 -1.04 6.68
N PRO B 81 -4.40 -1.14 5.40
CA PRO B 81 -5.76 -1.63 5.09
C PRO B 81 -5.95 -3.09 5.49
N ILE B 82 -4.88 -3.91 5.43
CA ILE B 82 -4.92 -5.31 5.84
C ILE B 82 -5.15 -5.39 7.36
N GLY B 83 -6.21 -6.08 7.77
CA GLY B 83 -6.49 -6.25 9.18
C GLY B 83 -7.70 -5.53 9.71
N ASN B 84 -8.24 -6.04 10.82
CA ASN B 84 -9.40 -5.46 11.49
C ASN B 84 -9.03 -4.54 12.67
N SER B 85 -7.74 -4.35 12.95
CA SER B 85 -7.29 -3.45 14.02
C SER B 85 -7.20 -1.98 13.52
N SER B 86 -7.35 -1.76 12.19
CA SER B 86 -7.31 -0.47 11.50
C SER B 86 -8.34 0.51 12.06
N SER B 89 -2.74 -0.33 17.69
CA SER B 89 -1.36 -0.19 17.19
C SER B 89 -1.20 1.12 16.41
N SER B 90 -1.14 2.26 17.13
CA SER B 90 -1.00 3.59 16.54
C SER B 90 0.45 3.99 16.32
N HIS B 91 0.76 4.65 15.19
CA HIS B 91 2.13 5.10 14.92
C HIS B 91 2.48 6.38 15.66
N TRP B 92 1.51 7.07 16.30
CA TRP B 92 1.83 8.32 16.98
C TRP B 92 1.71 8.23 18.49
N ASP B 93 1.86 7.03 19.07
CA ASP B 93 1.84 6.88 20.53
C ASP B 93 3.11 7.49 21.14
N LEU B 94 3.13 7.72 22.47
CA LEU B 94 4.27 8.33 23.16
C LEU B 94 5.68 7.86 22.71
N GLY B 95 5.84 6.55 22.51
CA GLY B 95 7.10 5.97 22.10
C GLY B 95 7.36 5.98 20.61
N SER B 96 6.32 5.68 19.81
CA SER B 96 6.46 5.64 18.36
C SER B 96 6.69 7.04 17.77
N ALA B 97 6.08 8.08 18.38
CA ALA B 97 6.27 9.47 17.96
C ALA B 97 7.66 9.97 18.36
N PHE B 98 8.21 9.46 19.47
CA PHE B 98 9.57 9.76 19.93
C PHE B 98 10.55 9.14 18.93
N PHE B 99 10.29 7.90 18.50
CA PHE B 99 11.13 7.21 17.53
C PHE B 99 11.09 7.93 16.17
N PHE B 100 9.92 8.47 15.79
CA PHE B 100 9.79 9.23 14.55
C PHE B 100 10.65 10.47 14.60
N ALA B 101 10.65 11.17 15.75
CA ALA B 101 11.45 12.37 15.94
C ALA B 101 12.94 12.05 15.77
N GLY B 102 13.38 10.93 16.32
CA GLY B 102 14.76 10.46 16.20
C GLY B 102 15.13 10.07 14.79
N THR B 103 14.15 9.56 14.02
CA THR B 103 14.29 9.20 12.61
C THR B 103 14.56 10.45 11.75
N VAL B 104 13.97 11.59 12.12
CA VAL B 104 14.16 12.87 11.45
C VAL B 104 15.57 13.41 11.75
N ILE B 105 15.94 13.48 13.03
CA ILE B 105 17.21 13.99 13.55
C ILE B 105 18.41 13.25 12.99
N THR B 106 18.32 11.92 12.90
CA THR B 106 19.39 11.10 12.37
C THR B 106 19.50 11.14 10.85
N THR B 107 18.69 11.98 10.16
CA THR B 107 18.62 12.09 8.70
C THR B 107 18.38 10.74 8.03
N ILE B 108 17.67 9.84 8.71
CA ILE B 108 17.36 8.53 8.15
C ILE B 108 16.09 8.66 7.31
N GLY B 109 15.03 9.19 7.92
CA GLY B 109 13.75 9.42 7.27
C GLY B 109 13.21 8.22 6.52
N TYR B 110 12.75 7.19 7.24
CA TYR B 110 12.25 5.96 6.63
C TYR B 110 11.17 6.20 5.58
N GLY B 111 10.12 6.91 5.97
CA GLY B 111 9.06 7.24 5.03
C GLY B 111 7.86 6.32 5.05
N ASN B 112 7.85 5.32 5.94
CA ASN B 112 6.67 4.45 6.09
C ASN B 112 5.53 5.30 6.68
N ILE B 113 5.86 6.17 7.66
CA ILE B 113 5.00 7.15 8.29
C ILE B 113 5.64 8.52 8.03
N ALA B 114 4.83 9.52 7.69
CA ALA B 114 5.34 10.87 7.40
C ALA B 114 4.28 11.93 7.74
N PRO B 115 4.68 13.19 8.08
CA PRO B 115 3.68 14.20 8.44
C PRO B 115 2.71 14.58 7.32
N SER B 116 1.49 14.01 7.34
CA SER B 116 0.46 14.26 6.34
C SER B 116 -0.29 15.58 6.57
N THR B 117 -0.34 16.06 7.82
CA THR B 117 -1.05 17.30 8.13
C THR B 117 -0.27 18.54 7.69
N GLU B 118 -0.97 19.68 7.60
CA GLU B 118 -0.39 20.95 7.18
C GLU B 118 0.58 21.45 8.27
N GLY B 119 0.14 21.39 9.52
CA GLY B 119 0.95 21.83 10.64
C GLY B 119 2.10 20.91 10.99
N GLY B 120 1.92 19.62 10.70
CA GLY B 120 2.95 18.62 10.94
C GLY B 120 4.13 18.79 10.00
N LYS B 121 3.84 19.17 8.75
CA LYS B 121 4.89 19.39 7.76
C LYS B 121 5.68 20.68 8.08
N ILE B 122 5.00 21.72 8.60
CA ILE B 122 5.64 22.99 9.00
C ILE B 122 6.56 22.74 10.19
N PHE B 123 6.07 22.02 11.20
CA PHE B 123 6.83 21.69 12.39
C PHE B 123 8.03 20.82 12.03
N CYS B 124 7.87 19.89 11.08
CA CYS B 124 8.94 19.00 10.64
C CYS B 124 10.06 19.76 9.93
N ILE B 125 9.70 20.81 9.17
CA ILE B 125 10.68 21.64 8.46
C ILE B 125 11.59 22.31 9.48
N LEU B 126 11.01 22.95 10.48
CA LEU B 126 11.73 23.65 11.54
C LEU B 126 12.45 22.68 12.48
N TYR B 127 11.84 21.52 12.74
CA TYR B 127 12.38 20.49 13.61
C TYR B 127 13.67 19.91 13.05
N ALA B 128 13.75 19.73 11.73
CA ALA B 128 14.94 19.21 11.08
C ALA B 128 16.03 20.27 11.01
N ILE B 129 15.65 21.52 10.71
CA ILE B 129 16.56 22.67 10.61
C ILE B 129 17.37 22.84 11.89
N PHE B 130 16.71 22.76 13.04
CA PHE B 130 17.39 22.94 14.32
C PHE B 130 17.86 21.63 14.97
N GLY B 131 17.20 20.53 14.64
CA GLY B 131 17.50 19.23 15.23
C GLY B 131 18.67 18.46 14.68
N ILE B 132 18.91 18.56 13.36
CA ILE B 132 20.03 17.86 12.73
C ILE B 132 21.40 18.39 13.24
N PRO B 133 21.63 19.72 13.39
CA PRO B 133 22.91 20.18 13.94
C PRO B 133 23.08 19.89 15.44
N LEU B 134 21.96 19.65 16.16
CA LEU B 134 21.99 19.28 17.58
C LEU B 134 22.54 17.86 17.72
N PHE B 135 22.11 16.94 16.84
CA PHE B 135 22.59 15.56 16.82
C PHE B 135 24.04 15.47 16.37
N GLY B 136 24.46 16.38 15.49
CA GLY B 136 25.83 16.44 15.00
C GLY B 136 26.80 16.76 16.12
N PHE B 137 26.38 17.62 17.06
CA PHE B 137 27.21 17.97 18.22
C PHE B 137 27.32 16.76 19.17
N LEU B 138 26.26 15.95 19.28
CA LEU B 138 26.25 14.74 20.10
C LEU B 138 27.11 13.66 19.44
N LEU B 139 27.05 13.55 18.11
CA LEU B 139 27.89 12.60 17.37
C LEU B 139 29.37 12.98 17.50
N ALA B 140 29.67 14.30 17.53
CA ALA B 140 31.03 14.79 17.69
C ALA B 140 31.56 14.42 19.08
N GLY B 141 30.71 14.54 20.10
CA GLY B 141 31.05 14.21 21.48
C GLY B 141 31.32 12.74 21.67
N ILE B 142 30.49 11.87 21.06
CA ILE B 142 30.68 10.42 21.15
C ILE B 142 31.90 9.96 20.31
N GLY B 143 32.17 10.64 19.21
CA GLY B 143 33.30 10.36 18.34
C GLY B 143 34.64 10.70 18.97
N ASP B 144 34.65 11.72 19.85
CA ASP B 144 35.86 12.14 20.55
C ASP B 144 36.23 11.11 21.62
N GLN B 145 35.24 10.57 22.34
CA GLN B 145 35.45 9.54 23.35
C GLN B 145 35.83 8.21 22.69
N LEU B 146 35.24 7.92 21.51
CA LEU B 146 35.56 6.70 20.75
C LEU B 146 36.97 6.77 20.14
N GLY B 147 37.41 7.96 19.76
CA GLY B 147 38.73 8.19 19.19
C GLY B 147 39.85 7.96 20.18
N THR B 148 39.61 8.30 21.46
CA THR B 148 40.57 8.09 22.53
C THR B 148 40.71 6.60 22.84
N ILE B 149 39.60 5.85 22.78
CA ILE B 149 39.59 4.41 23.00
C ILE B 149 40.31 3.71 21.83
N PHE B 150 40.06 4.19 20.59
CA PHE B 150 40.68 3.66 19.38
C PHE B 150 42.19 3.91 19.37
N GLY B 151 42.61 5.07 19.86
CA GLY B 151 44.02 5.42 19.93
C GLY B 151 44.78 4.54 20.90
N LYS B 152 44.12 4.15 22.01
CA LYS B 152 44.71 3.28 23.02
C LYS B 152 44.65 1.81 22.58
N SER B 153 43.62 1.41 21.82
CA SER B 153 43.52 0.04 21.32
C SER B 153 44.53 -0.21 20.19
N ILE B 154 44.84 0.82 19.38
CA ILE B 154 45.79 0.74 18.27
C ILE B 154 47.21 0.60 18.80
N ALA B 155 47.53 1.35 19.85
CA ALA B 155 48.85 1.32 20.47
C ALA B 155 49.15 -0.06 21.05
N ARG B 156 48.14 -0.70 21.66
CA ARG B 156 48.31 -2.04 22.21
C ARG B 156 48.12 -3.10 21.14
N ARG B 172 49.56 1.20 10.43
CA ARG B 172 48.43 2.06 10.75
C ARG B 172 47.14 1.62 10.04
N VAL B 173 47.28 1.04 8.83
CA VAL B 173 46.14 0.54 8.06
C VAL B 173 45.70 -0.86 8.53
N ILE B 174 46.62 -1.64 9.11
CA ILE B 174 46.36 -2.98 9.65
C ILE B 174 45.43 -2.88 10.86
N SER B 175 45.70 -1.90 11.73
CA SER B 175 44.89 -1.61 12.93
C SER B 175 43.50 -1.05 12.58
N THR B 176 43.38 -0.39 11.42
CA THR B 176 42.14 0.18 10.91
C THR B 176 41.19 -0.95 10.47
N ILE B 177 41.74 -2.04 9.90
CA ILE B 177 40.98 -3.22 9.48
C ILE B 177 40.45 -3.97 10.71
N LEU B 178 41.24 -4.00 11.81
CA LEU B 178 40.88 -4.64 13.07
C LEU B 178 39.69 -3.94 13.73
N PHE B 179 39.68 -2.61 13.74
CA PHE B 179 38.59 -1.85 14.34
C PHE B 179 37.31 -1.90 13.50
N ILE B 180 37.46 -1.99 12.16
CA ILE B 180 36.31 -2.05 11.26
C ILE B 180 35.63 -3.42 11.28
N LEU B 181 36.42 -4.49 11.39
CA LEU B 181 35.88 -5.85 11.42
C LEU B 181 35.17 -6.13 12.74
N ALA B 182 35.76 -5.68 13.86
CA ALA B 182 35.16 -5.85 15.18
C ALA B 182 33.84 -5.10 15.30
N GLY B 183 33.78 -3.90 14.72
CA GLY B 183 32.57 -3.09 14.72
C GLY B 183 31.44 -3.72 13.94
N CYS B 184 31.79 -4.48 12.89
CA CYS B 184 30.80 -5.18 12.08
C CYS B 184 30.24 -6.45 12.73
N ILE B 185 30.82 -6.89 13.85
CA ILE B 185 30.36 -8.05 14.61
C ILE B 185 29.41 -7.61 15.74
N VAL B 186 29.69 -6.46 16.36
CA VAL B 186 28.89 -5.92 17.45
C VAL B 186 27.74 -5.05 16.96
N PHE B 187 28.01 -4.06 16.08
CA PHE B 187 26.96 -3.15 15.61
C PHE B 187 26.26 -3.59 14.35
N VAL B 188 26.81 -4.57 13.61
CA VAL B 188 26.17 -5.02 12.38
C VAL B 188 25.66 -6.46 12.47
N THR B 189 26.53 -7.40 12.84
CA THR B 189 26.18 -8.82 12.93
C THR B 189 25.25 -9.14 14.10
N ILE B 190 25.63 -8.73 15.33
CA ILE B 190 24.84 -8.97 16.54
C ILE B 190 23.40 -8.43 16.46
N PRO B 191 23.15 -7.16 16.05
CA PRO B 191 21.76 -6.68 15.98
C PRO B 191 20.96 -7.33 14.87
N ALA B 192 21.60 -7.74 13.76
CA ALA B 192 20.90 -8.43 12.67
C ALA B 192 20.35 -9.78 13.12
N VAL B 193 21.00 -10.43 14.11
CA VAL B 193 20.55 -11.69 14.69
C VAL B 193 19.22 -11.45 15.44
N ILE B 194 19.18 -10.35 16.22
CA ILE B 194 18.02 -9.92 16.99
C ILE B 194 16.84 -9.59 16.06
N PHE B 195 17.11 -8.89 14.95
CA PHE B 195 16.07 -8.52 13.99
C PHE B 195 15.51 -9.74 13.26
N LYS B 196 16.36 -10.74 12.98
CA LYS B 196 15.93 -11.95 12.30
C LYS B 196 15.04 -12.83 13.19
N TYR B 197 15.26 -12.79 14.51
CA TYR B 197 14.47 -13.59 15.44
C TYR B 197 13.23 -12.83 15.93
N ILE B 198 13.31 -11.50 16.06
CA ILE B 198 12.18 -10.71 16.54
C ILE B 198 11.21 -10.36 15.41
N GLU B 199 11.71 -9.75 14.33
CA GLU B 199 10.86 -9.37 13.20
C GLU B 199 10.53 -10.53 12.25
N GLY B 200 11.28 -11.63 12.34
CA GLY B 200 11.08 -12.79 11.48
C GLY B 200 11.56 -12.61 10.05
N TRP B 201 12.42 -11.60 9.81
CA TRP B 201 12.95 -11.29 8.49
C TRP B 201 14.00 -12.32 8.03
N THR B 202 14.29 -12.36 6.72
CA THR B 202 15.30 -13.26 6.16
C THR B 202 16.73 -12.87 6.63
N ALA B 203 17.72 -13.75 6.38
CA ALA B 203 19.11 -13.45 6.76
C ALA B 203 19.63 -12.23 6.00
N LEU B 204 19.26 -12.10 4.72
CA LEU B 204 19.66 -10.98 3.90
C LEU B 204 18.89 -9.72 4.29
N GLU B 205 17.57 -9.85 4.51
CA GLU B 205 16.70 -8.73 4.88
C GLU B 205 17.09 -8.09 6.23
N SER B 206 17.65 -8.90 7.14
CA SER B 206 18.08 -8.41 8.45
C SER B 206 19.38 -7.60 8.31
N ILE B 207 20.29 -8.01 7.42
CA ILE B 207 21.54 -7.27 7.20
C ILE B 207 21.27 -6.01 6.38
N TYR B 208 20.41 -6.13 5.36
CA TYR B 208 20.00 -5.04 4.48
C TYR B 208 19.35 -3.93 5.28
N PHE B 209 18.56 -4.27 6.32
CA PHE B 209 17.93 -3.26 7.16
C PHE B 209 19.02 -2.53 7.95
N VAL B 210 19.94 -3.28 8.58
CA VAL B 210 21.03 -2.73 9.36
C VAL B 210 21.89 -1.76 8.54
N VAL B 211 22.32 -2.19 7.34
CA VAL B 211 23.14 -1.39 6.43
C VAL B 211 22.43 -0.12 5.98
N VAL B 212 21.18 -0.25 5.51
CA VAL B 212 20.42 0.91 5.06
C VAL B 212 20.15 1.89 6.22
N THR B 213 19.97 1.37 7.45
CA THR B 213 19.73 2.20 8.62
C THR B 213 20.98 2.98 9.00
N LEU B 214 22.11 2.27 9.27
CA LEU B 214 23.39 2.86 9.68
C LEU B 214 24.00 3.78 8.62
N THR B 215 23.62 3.62 7.35
CA THR B 215 24.10 4.51 6.30
C THR B 215 23.21 5.76 6.14
N THR B 216 22.24 5.99 7.06
CA THR B 216 21.27 7.09 7.06
C THR B 216 20.55 7.26 5.73
N VAL B 217 20.37 6.14 4.99
CA VAL B 217 19.69 6.14 3.72
C VAL B 217 18.19 6.17 3.99
N GLY B 218 17.72 5.24 4.82
CA GLY B 218 16.32 5.16 5.23
C GLY B 218 15.31 4.98 4.11
N PHE B 219 15.34 3.83 3.43
CA PHE B 219 14.39 3.54 2.37
C PHE B 219 12.98 3.38 2.94
N GLY B 220 12.86 2.74 4.11
CA GLY B 220 11.56 2.54 4.74
C GLY B 220 10.84 1.27 4.33
N ASP B 221 11.46 0.46 3.45
CA ASP B 221 10.90 -0.83 3.04
C ASP B 221 10.86 -1.85 4.20
N PHE B 222 11.75 -1.66 5.18
CA PHE B 222 11.84 -2.44 6.40
C PHE B 222 12.04 -1.44 7.53
N VAL B 223 11.22 -1.53 8.57
CA VAL B 223 11.31 -0.64 9.72
C VAL B 223 11.12 -1.46 11.00
N ALA B 224 11.73 -1.01 12.11
CA ALA B 224 11.61 -1.71 13.38
C ALA B 224 10.21 -1.55 13.98
N GLY B 225 9.68 -2.63 14.57
CA GLY B 225 8.36 -2.66 15.17
C GLY B 225 7.26 -2.49 14.14
N GLY B 226 7.36 -3.26 13.05
CA GLY B 226 6.42 -3.20 11.93
C GLY B 226 4.97 -3.42 12.30
N ASN B 227 4.48 -4.64 12.10
CA ASN B 227 3.09 -4.98 12.40
C ASN B 227 3.02 -6.36 13.07
N ALA B 228 2.33 -6.44 14.21
CA ALA B 228 2.20 -7.70 14.96
C ALA B 228 1.06 -8.54 14.40
N ARG B 233 7.50 -6.08 22.48
CA ARG B 233 8.11 -5.70 23.75
C ARG B 233 8.15 -4.19 23.93
N GLU B 234 8.07 -3.73 25.19
CA GLU B 234 8.10 -2.30 25.51
C GLU B 234 9.50 -1.71 25.30
N TRP B 235 10.54 -2.49 25.63
CA TRP B 235 11.94 -2.13 25.49
C TRP B 235 12.48 -2.24 24.08
N TYR B 236 11.70 -2.80 23.14
CA TYR B 236 12.14 -3.00 21.77
C TYR B 236 12.40 -1.69 21.02
N LYS B 237 11.41 -0.78 20.98
CA LYS B 237 11.57 0.49 20.27
C LYS B 237 12.70 1.40 20.82
N PRO B 238 12.88 1.57 22.15
CA PRO B 238 14.01 2.40 22.63
C PRO B 238 15.37 1.72 22.42
N LEU B 239 15.42 0.38 22.36
CA LEU B 239 16.68 -0.32 22.11
C LEU B 239 17.11 -0.22 20.63
N VAL B 240 16.18 0.08 19.72
CA VAL B 240 16.48 0.24 18.31
C VAL B 240 17.14 1.61 18.12
N TRP B 241 16.55 2.66 18.72
CA TRP B 241 17.14 4.00 18.58
C TRP B 241 18.50 4.11 19.30
N PHE B 242 18.71 3.37 20.40
CA PHE B 242 20.01 3.38 21.08
C PHE B 242 21.05 2.67 20.21
N TRP B 243 20.65 1.60 19.51
CA TRP B 243 21.54 0.90 18.58
C TRP B 243 21.91 1.85 17.42
N ILE B 244 20.94 2.63 16.94
CA ILE B 244 21.16 3.60 15.87
C ILE B 244 22.14 4.67 16.35
N LEU B 245 21.99 5.15 17.59
CA LEU B 245 22.85 6.16 18.19
C LEU B 245 24.30 5.70 18.37
N VAL B 246 24.51 4.51 18.95
CA VAL B 246 25.86 4.01 19.18
C VAL B 246 26.50 3.51 17.89
N GLY B 247 25.71 2.81 17.07
CA GLY B 247 26.15 2.29 15.79
C GLY B 247 26.48 3.35 14.76
N LEU B 248 25.80 4.50 14.84
CA LEU B 248 26.06 5.61 13.93
C LEU B 248 27.29 6.38 14.37
N ALA B 249 27.42 6.64 15.67
CA ALA B 249 28.57 7.36 16.20
C ALA B 249 29.88 6.57 16.22
N TYR B 250 29.82 5.25 15.96
CA TYR B 250 31.02 4.43 15.94
C TYR B 250 31.62 4.40 14.54
N PHE B 251 30.79 4.14 13.53
CA PHE B 251 31.27 4.06 12.15
C PHE B 251 31.62 5.43 11.56
N ALA B 252 30.95 6.50 12.03
CA ALA B 252 31.27 7.85 11.57
C ALA B 252 32.61 8.30 12.16
N ALA B 253 32.90 7.91 13.42
CA ALA B 253 34.16 8.24 14.09
C ALA B 253 35.33 7.47 13.45
N VAL B 254 35.08 6.24 12.96
CA VAL B 254 36.11 5.45 12.29
C VAL B 254 36.43 6.08 10.93
N LEU B 255 35.38 6.53 10.21
CA LEU B 255 35.54 7.19 8.91
C LEU B 255 36.20 8.56 9.06
N SER B 256 35.97 9.25 10.19
CA SER B 256 36.57 10.56 10.46
C SER B 256 38.03 10.42 10.89
N MET B 257 38.38 9.31 11.57
CA MET B 257 39.76 9.02 11.98
C MET B 257 40.61 8.73 10.71
N ILE B 258 40.01 8.02 9.72
CA ILE B 258 40.64 7.75 8.43
C ILE B 258 40.77 9.07 7.68
N GLY B 259 39.68 9.85 7.63
CA GLY B 259 39.62 11.16 7.00
C GLY B 259 40.60 12.17 7.57
N ASP B 260 41.04 11.97 8.82
CA ASP B 260 42.04 12.82 9.46
C ASP B 260 43.42 12.49 8.85
N TRP B 261 43.68 11.19 8.63
CA TRP B 261 44.92 10.71 8.01
C TRP B 261 44.96 11.03 6.51
N LEU B 262 43.78 11.05 5.84
CA LEU B 262 43.67 11.37 4.42
C LEU B 262 43.99 12.84 4.15
N ARG B 263 43.61 13.73 5.09
CA ARG B 263 43.87 15.16 5.00
C ARG B 263 45.38 15.44 5.13
N VAL B 264 46.07 14.69 5.99
CA VAL B 264 47.51 14.83 6.19
C VAL B 264 48.27 14.19 5.01
N LEU B 265 47.81 13.01 4.57
CA LEU B 265 48.42 12.30 3.44
C LEU B 265 48.02 12.94 2.12
N GLN C 1 -11.25 -21.09 -28.16
CA GLN C 1 -12.35 -20.14 -27.99
C GLN C 1 -13.70 -20.83 -27.67
N VAL C 2 -14.66 -20.10 -27.08
CA VAL C 2 -15.96 -20.68 -26.76
C VAL C 2 -17.01 -20.35 -27.82
N GLN C 3 -18.04 -21.19 -27.95
CA GLN C 3 -19.12 -20.99 -28.91
C GLN C 3 -20.48 -21.08 -28.17
N LEU C 4 -21.33 -20.03 -28.29
CA LEU C 4 -22.62 -19.98 -27.58
C LEU C 4 -23.86 -20.20 -28.46
N VAL C 5 -24.73 -21.14 -28.05
CA VAL C 5 -25.98 -21.45 -28.76
C VAL C 5 -27.19 -21.23 -27.83
N GLU C 6 -28.15 -20.41 -28.26
CA GLU C 6 -29.30 -20.05 -27.44
C GLU C 6 -30.59 -20.79 -27.76
N SER C 7 -31.58 -20.75 -26.85
CA SER C 7 -32.88 -21.38 -27.05
C SER C 7 -33.92 -20.91 -26.05
N GLY C 8 -34.93 -20.18 -26.52
CA GLY C 8 -36.00 -19.72 -25.63
C GLY C 8 -36.78 -18.49 -26.02
N GLY C 9 -36.33 -17.79 -27.06
CA GLY C 9 -36.99 -16.56 -27.51
C GLY C 9 -38.35 -16.80 -28.12
N GLY C 10 -39.13 -15.72 -28.25
CA GLY C 10 -40.44 -15.82 -28.85
C GLY C 10 -41.49 -14.89 -28.25
N LEU C 11 -42.71 -14.93 -28.81
CA LEU C 11 -43.83 -14.13 -28.35
C LEU C 11 -44.31 -14.58 -26.98
N VAL C 12 -44.61 -13.62 -26.09
CA VAL C 12 -45.07 -13.94 -24.75
C VAL C 12 -46.08 -12.90 -24.26
N GLN C 13 -47.05 -13.33 -23.46
CA GLN C 13 -48.07 -12.43 -22.92
C GLN C 13 -47.48 -11.52 -21.82
N ALA C 14 -48.08 -10.33 -21.63
CA ALA C 14 -47.65 -9.40 -20.60
C ALA C 14 -48.02 -9.98 -19.25
N GLY C 15 -47.06 -10.03 -18.34
CA GLY C 15 -47.28 -10.63 -17.04
C GLY C 15 -46.77 -12.07 -16.97
N GLY C 16 -46.60 -12.70 -18.12
CA GLY C 16 -46.11 -14.06 -18.23
C GLY C 16 -44.66 -14.22 -17.83
N SER C 17 -44.01 -15.28 -18.33
CA SER C 17 -42.63 -15.56 -18.00
C SER C 17 -41.80 -15.88 -19.24
N LEU C 18 -40.51 -15.56 -19.17
CA LEU C 18 -39.57 -15.77 -20.27
C LEU C 18 -38.56 -16.79 -19.82
N ARG C 19 -38.42 -17.93 -20.51
CA ARG C 19 -37.45 -18.94 -20.11
C ARG C 19 -36.44 -19.17 -21.23
N LEU C 20 -35.23 -18.59 -21.07
CA LEU C 20 -34.14 -18.67 -22.04
C LEU C 20 -33.04 -19.65 -21.62
N SER C 21 -32.25 -20.11 -22.58
CA SER C 21 -31.12 -21.00 -22.33
C SER C 21 -29.93 -20.61 -23.21
N CYS C 22 -28.72 -21.02 -22.83
CA CYS C 22 -27.51 -20.72 -23.59
C CYS C 22 -26.44 -21.75 -23.23
N ALA C 23 -26.16 -22.67 -24.17
CA ALA C 23 -25.16 -23.70 -23.92
C ALA C 23 -23.81 -23.32 -24.50
N ALA C 24 -22.76 -23.45 -23.70
CA ALA C 24 -21.41 -23.12 -24.15
C ALA C 24 -20.68 -24.34 -24.70
N SER C 25 -20.76 -24.54 -26.02
CA SER C 25 -20.14 -25.67 -26.71
C SER C 25 -18.61 -25.56 -26.90
N GLY C 26 -18.01 -24.48 -26.40
CA GLY C 26 -16.57 -24.28 -26.54
C GLY C 26 -15.75 -25.01 -25.49
N ARG C 27 -14.70 -25.74 -25.95
CA ARG C 27 -13.82 -26.48 -25.05
C ARG C 27 -12.74 -25.60 -24.38
N ALA C 28 -13.15 -24.42 -23.84
CA ALA C 28 -12.23 -23.51 -23.15
C ALA C 28 -12.12 -23.88 -21.67
N GLY C 29 -11.19 -24.76 -21.35
CA GLY C 29 -10.94 -25.26 -20.00
C GLY C 29 -10.18 -24.32 -19.09
N SER C 30 -10.47 -23.03 -19.18
CA SER C 30 -9.84 -22.03 -18.30
C SER C 30 -10.85 -21.48 -17.27
N GLY C 31 -12.13 -21.46 -17.65
CA GLY C 31 -13.20 -20.97 -16.81
C GLY C 31 -13.64 -19.62 -17.30
N TYR C 32 -14.95 -19.41 -17.45
CA TYR C 32 -15.47 -18.12 -17.90
C TYR C 32 -16.78 -17.73 -17.24
N ALA C 33 -16.90 -16.44 -16.91
CA ALA C 33 -18.10 -15.89 -16.31
C ALA C 33 -19.09 -15.65 -17.42
N MET C 34 -20.32 -16.11 -17.24
CA MET C 34 -21.36 -15.94 -18.25
C MET C 34 -22.38 -14.89 -17.84
N GLY C 35 -23.15 -14.39 -18.81
CA GLY C 35 -24.15 -13.39 -18.54
C GLY C 35 -25.21 -13.28 -19.61
N TRP C 36 -26.22 -12.46 -19.34
CA TRP C 36 -27.31 -12.25 -20.29
C TRP C 36 -27.44 -10.77 -20.54
N PHE C 37 -27.62 -10.37 -21.80
CA PHE C 37 -27.76 -8.98 -22.22
C PHE C 37 -28.97 -8.82 -23.14
N ARG C 38 -29.50 -7.61 -23.30
CA ARG C 38 -30.63 -7.37 -24.18
C ARG C 38 -30.48 -6.08 -24.96
N GLN C 39 -30.68 -6.16 -26.28
CA GLN C 39 -30.57 -4.99 -27.14
C GLN C 39 -31.96 -4.48 -27.48
N ALA C 40 -32.36 -3.37 -26.86
CA ALA C 40 -33.67 -2.78 -27.10
C ALA C 40 -33.74 -2.14 -28.48
N PRO C 41 -34.92 -2.18 -29.13
CA PRO C 41 -35.05 -1.61 -30.47
C PRO C 41 -34.53 -0.18 -30.64
N GLY C 42 -34.90 0.71 -29.73
CA GLY C 42 -34.46 2.10 -29.82
C GLY C 42 -33.31 2.46 -28.91
N LYS C 43 -33.12 1.69 -27.84
CA LYS C 43 -32.07 1.95 -26.85
C LYS C 43 -30.75 1.20 -27.19
N GLU C 44 -29.74 1.28 -26.30
CA GLU C 44 -28.46 0.58 -26.43
C GLU C 44 -28.54 -0.81 -25.76
N ARG C 45 -27.47 -1.63 -25.87
CA ARG C 45 -27.46 -2.95 -25.24
C ARG C 45 -27.34 -2.81 -23.72
N GLU C 46 -28.18 -3.52 -22.98
CA GLU C 46 -28.18 -3.45 -21.53
C GLU C 46 -27.84 -4.80 -20.94
N ILE C 47 -27.28 -4.81 -19.73
CA ILE C 47 -26.99 -6.04 -19.04
C ILE C 47 -28.25 -6.48 -18.30
N VAL C 48 -28.54 -7.77 -18.32
CA VAL C 48 -29.69 -8.32 -17.61
C VAL C 48 -29.20 -8.90 -16.29
N GLY C 49 -28.13 -9.70 -16.36
CA GLY C 49 -27.50 -10.33 -15.22
C GLY C 49 -26.24 -11.07 -15.57
N ALA C 50 -25.56 -11.61 -14.56
CA ALA C 50 -24.31 -12.36 -14.75
C ALA C 50 -24.22 -13.51 -13.74
N ILE C 51 -23.37 -14.51 -14.01
CA ILE C 51 -23.18 -15.65 -13.14
C ILE C 51 -21.76 -16.18 -13.32
N SER C 52 -21.09 -16.58 -12.22
CA SER C 52 -19.73 -17.09 -12.33
C SER C 52 -19.68 -18.49 -12.97
N TRP C 53 -18.51 -18.91 -13.45
CA TRP C 53 -18.26 -20.19 -14.09
C TRP C 53 -18.75 -21.39 -13.26
N SER C 54 -18.48 -21.39 -11.96
CA SER C 54 -18.95 -22.46 -11.08
C SER C 54 -20.46 -22.32 -10.77
N GLY C 55 -20.94 -21.08 -10.76
CA GLY C 55 -22.33 -20.74 -10.49
C GLY C 55 -22.61 -20.36 -9.06
N ASP C 56 -21.55 -20.19 -8.25
CA ASP C 56 -21.65 -19.88 -6.84
C ASP C 56 -22.10 -18.45 -6.56
N ASN C 57 -22.04 -17.54 -7.54
CA ASN C 57 -22.52 -16.17 -7.33
C ASN C 57 -23.06 -15.58 -8.59
N THR C 58 -24.23 -14.91 -8.48
CA THR C 58 -24.93 -14.28 -9.59
C THR C 58 -25.12 -12.76 -9.37
N TYR C 59 -25.45 -12.02 -10.42
CA TYR C 59 -25.71 -10.58 -10.39
C TYR C 59 -26.95 -10.27 -11.26
N TYR C 60 -27.77 -9.31 -10.85
CA TYR C 60 -28.98 -8.90 -11.56
C TYR C 60 -29.03 -7.38 -11.69
N ALA C 61 -29.26 -6.87 -12.90
CA ALA C 61 -29.34 -5.43 -13.11
C ALA C 61 -30.54 -4.80 -12.39
N ASP C 62 -30.48 -3.49 -12.09
CA ASP C 62 -31.54 -2.79 -11.37
C ASP C 62 -32.87 -2.75 -12.14
N SER C 63 -32.83 -2.87 -13.47
CA SER C 63 -34.03 -2.87 -14.29
C SER C 63 -34.89 -4.14 -14.11
N VAL C 64 -34.29 -5.23 -13.62
CA VAL C 64 -34.97 -6.52 -13.48
C VAL C 64 -34.54 -7.26 -12.20
N ARG C 65 -34.34 -6.51 -11.09
CA ARG C 65 -33.85 -7.07 -9.82
C ARG C 65 -34.72 -8.21 -9.22
N GLY C 66 -36.00 -7.97 -8.94
CA GLY C 66 -36.84 -8.98 -8.31
C GLY C 66 -37.61 -9.90 -9.24
N ARG C 67 -37.38 -9.82 -10.56
CA ARG C 67 -38.13 -10.65 -11.52
C ARG C 67 -37.32 -11.78 -12.14
N VAL C 68 -36.07 -11.50 -12.55
CA VAL C 68 -35.24 -12.50 -13.24
C VAL C 68 -34.46 -13.39 -12.29
N THR C 69 -34.04 -14.57 -12.78
CA THR C 69 -33.24 -15.53 -12.04
C THR C 69 -32.25 -16.25 -12.95
N ILE C 70 -30.94 -15.93 -12.88
CA ILE C 70 -29.94 -16.58 -13.72
C ILE C 70 -29.50 -17.91 -13.14
N SER C 71 -29.90 -19.01 -13.77
CA SER C 71 -29.57 -20.35 -13.32
C SER C 71 -28.39 -20.94 -14.11
N ARG C 72 -27.76 -22.01 -13.60
CA ARG C 72 -26.65 -22.65 -14.32
C ARG C 72 -26.50 -24.13 -14.06
N ASP C 73 -26.43 -24.92 -15.14
CA ASP C 73 -26.20 -26.35 -15.10
C ASP C 73 -24.73 -26.52 -15.45
N TYR C 74 -23.88 -26.71 -14.45
CA TYR C 74 -22.43 -26.81 -14.65
C TYR C 74 -22.03 -28.11 -15.35
N ALA C 75 -22.80 -29.19 -15.13
CA ALA C 75 -22.51 -30.48 -15.77
C ALA C 75 -22.64 -30.36 -17.29
N GLN C 76 -23.66 -29.64 -17.78
CA GLN C 76 -23.84 -29.46 -19.22
C GLN C 76 -23.42 -28.10 -19.74
N ASN C 77 -22.76 -27.27 -18.89
CA ASN C 77 -22.25 -25.93 -19.20
C ASN C 77 -23.33 -25.06 -19.84
N THR C 78 -24.44 -24.83 -19.13
CA THR C 78 -25.55 -24.08 -19.70
C THR C 78 -26.09 -23.06 -18.72
N VAL C 79 -26.37 -21.84 -19.18
CA VAL C 79 -27.00 -20.84 -18.34
C VAL C 79 -28.47 -20.71 -18.71
N TYR C 80 -29.29 -20.37 -17.74
CA TYR C 80 -30.72 -20.22 -17.94
C TYR C 80 -31.21 -18.87 -17.43
N LEU C 81 -32.29 -18.35 -18.01
CA LEU C 81 -32.84 -17.08 -17.58
C LEU C 81 -34.34 -17.24 -17.41
N GLN C 82 -34.89 -16.95 -16.23
CA GLN C 82 -36.34 -17.04 -16.00
C GLN C 82 -36.86 -15.71 -15.55
N MET C 83 -37.42 -14.93 -16.48
CA MET C 83 -37.93 -13.61 -16.17
C MET C 83 -39.45 -13.61 -15.98
N ASN C 84 -39.89 -13.64 -14.71
CA ASN C 84 -41.30 -13.63 -14.36
C ASN C 84 -41.89 -12.20 -14.42
N SER C 85 -43.24 -12.08 -14.48
CA SER C 85 -43.96 -10.81 -14.54
C SER C 85 -43.40 -9.87 -15.60
N LEU C 86 -43.57 -10.24 -16.87
CA LEU C 86 -43.06 -9.48 -18.00
C LEU C 86 -43.81 -8.18 -18.30
N LYS C 87 -43.10 -7.23 -18.91
CA LYS C 87 -43.61 -5.91 -19.27
C LYS C 87 -43.27 -5.62 -20.72
N PRO C 88 -44.01 -4.72 -21.40
CA PRO C 88 -43.66 -4.40 -22.81
C PRO C 88 -42.28 -3.75 -22.98
N GLU C 89 -41.68 -3.30 -21.88
CA GLU C 89 -40.34 -2.74 -21.90
C GLU C 89 -39.27 -3.84 -22.06
N ASP C 90 -39.62 -5.12 -21.79
CA ASP C 90 -38.70 -6.25 -21.93
C ASP C 90 -38.48 -6.68 -23.39
N THR C 91 -39.35 -6.23 -24.31
CA THR C 91 -39.27 -6.51 -25.75
C THR C 91 -37.90 -6.10 -26.30
N ALA C 92 -37.01 -7.08 -26.53
CA ALA C 92 -35.65 -6.84 -27.00
C ALA C 92 -34.99 -8.15 -27.55
N VAL C 93 -33.79 -8.07 -28.15
CA VAL C 93 -33.08 -9.25 -28.62
C VAL C 93 -32.18 -9.66 -27.46
N TYR C 94 -32.35 -10.87 -26.92
CA TYR C 94 -31.57 -11.31 -25.78
C TYR C 94 -30.35 -12.13 -26.17
N TYR C 95 -29.17 -11.59 -25.93
CA TYR C 95 -27.92 -12.25 -26.23
C TYR C 95 -27.30 -12.82 -24.95
N CYS C 96 -26.53 -13.92 -25.04
CA CYS C 96 -25.82 -14.45 -23.88
C CYS C 96 -24.33 -14.21 -24.10
N ALA C 97 -23.64 -13.77 -23.08
CA ALA C 97 -22.22 -13.41 -23.20
C ALA C 97 -21.34 -14.29 -22.30
N ALA C 98 -20.03 -14.39 -22.61
CA ALA C 98 -19.11 -15.17 -21.79
C ALA C 98 -17.67 -14.69 -21.88
N ASP C 99 -17.29 -13.68 -21.09
CA ASP C 99 -15.92 -13.17 -21.10
C ASP C 99 -15.17 -13.70 -19.90
N GLY C 100 -14.20 -14.58 -20.17
CA GLY C 100 -13.38 -15.16 -19.12
C GLY C 100 -12.16 -14.35 -18.75
N ARG C 101 -12.15 -13.05 -19.08
CA ARG C 101 -11.04 -12.14 -18.76
C ARG C 101 -11.43 -11.00 -17.80
N GLY C 102 -12.62 -11.07 -17.20
CA GLY C 102 -13.12 -10.08 -16.27
C GLY C 102 -13.78 -8.86 -16.89
N ASN C 103 -13.98 -8.88 -18.22
CA ASN C 103 -14.57 -7.76 -18.94
C ASN C 103 -16.08 -7.87 -19.16
N LEU C 104 -16.75 -8.83 -18.50
CA LEU C 104 -18.20 -8.97 -18.68
C LEU C 104 -18.90 -7.79 -18.02
N ARG C 105 -18.51 -7.48 -16.77
CA ARG C 105 -19.10 -6.39 -16.03
C ARG C 105 -18.53 -5.01 -16.35
N ARG C 106 -17.52 -4.93 -17.25
CA ARG C 106 -16.82 -3.69 -17.64
C ARG C 106 -17.77 -2.49 -17.80
N GLY C 107 -18.76 -2.63 -18.66
CA GLY C 107 -19.78 -1.60 -18.83
C GLY C 107 -21.18 -2.17 -18.76
N THR C 108 -22.19 -1.31 -18.92
CA THR C 108 -23.59 -1.78 -18.94
C THR C 108 -23.97 -2.40 -20.31
N ALA C 109 -23.20 -2.11 -21.36
CA ALA C 109 -23.46 -2.65 -22.69
C ALA C 109 -22.68 -3.94 -22.98
N GLY C 110 -21.56 -4.15 -22.31
CA GLY C 110 -20.72 -5.31 -22.55
C GLY C 110 -19.91 -5.16 -23.83
N ARG C 111 -19.44 -3.93 -24.08
CA ARG C 111 -18.64 -3.65 -25.27
C ARG C 111 -17.26 -4.33 -25.29
N TYR C 112 -16.88 -4.99 -24.18
CA TYR C 112 -15.60 -5.69 -24.09
C TYR C 112 -15.75 -7.20 -23.92
N VAL C 113 -16.97 -7.75 -24.10
CA VAL C 113 -17.23 -9.19 -23.96
C VAL C 113 -16.61 -10.00 -25.10
N GLU C 114 -15.86 -11.04 -24.73
CA GLU C 114 -15.15 -11.92 -25.63
C GLU C 114 -16.07 -12.77 -26.51
N TYR C 115 -16.96 -13.57 -25.90
CA TYR C 115 -17.84 -14.45 -26.65
C TYR C 115 -19.28 -14.03 -26.56
N TRP C 116 -19.90 -13.81 -27.72
CA TRP C 116 -21.29 -13.41 -27.83
C TRP C 116 -22.16 -14.52 -28.41
N GLY C 117 -23.41 -14.54 -27.99
CA GLY C 117 -24.36 -15.52 -28.48
C GLY C 117 -25.01 -15.07 -29.77
N GLN C 118 -25.90 -15.91 -30.30
CA GLN C 118 -26.59 -15.60 -31.55
C GLN C 118 -27.66 -14.51 -31.40
N GLY C 119 -28.28 -14.45 -30.22
CA GLY C 119 -29.33 -13.51 -29.90
C GLY C 119 -30.68 -14.09 -30.21
N THR C 120 -31.64 -13.94 -29.28
CA THR C 120 -32.98 -14.46 -29.50
C THR C 120 -34.02 -13.35 -29.38
N GLN C 121 -34.90 -13.21 -30.38
CA GLN C 121 -35.91 -12.16 -30.36
C GLN C 121 -37.01 -12.47 -29.35
N VAL C 122 -37.26 -11.53 -28.43
CA VAL C 122 -38.30 -11.64 -27.41
C VAL C 122 -39.28 -10.47 -27.56
N THR C 123 -40.57 -10.74 -27.85
CA THR C 123 -41.55 -9.67 -28.01
C THR C 123 -42.75 -9.84 -27.06
N VAL C 124 -42.95 -8.86 -26.14
CA VAL C 124 -44.03 -8.89 -25.15
C VAL C 124 -45.32 -8.20 -25.63
N SER C 125 -46.36 -8.99 -25.92
CA SER C 125 -47.66 -8.47 -26.36
C SER C 125 -48.60 -8.22 -25.19
N SER C 126 -49.56 -7.31 -25.32
CA SER C 126 -50.48 -6.99 -24.23
C SER C 126 -51.77 -6.47 -24.80
N HIS C 127 -52.91 -7.13 -24.49
CA HIS C 127 -54.25 -6.85 -25.03
C HIS C 127 -54.44 -7.58 -26.38
N HIS C 128 -53.38 -7.64 -27.17
CA HIS C 128 -53.35 -8.28 -28.47
C HIS C 128 -53.07 -9.75 -28.18
N HIS C 129 -54.08 -10.48 -27.71
CA HIS C 129 -53.98 -11.89 -27.35
C HIS C 129 -55.26 -12.66 -27.70
N GLN D 3 -35.32 -7.98 13.75
CA GLN D 3 -36.20 -9.11 13.97
C GLN D 3 -36.37 -9.95 12.69
N LEU D 4 -36.08 -11.25 12.76
CA LEU D 4 -36.19 -12.13 11.60
C LEU D 4 -37.14 -13.31 11.85
N VAL D 5 -38.37 -13.24 11.32
CA VAL D 5 -39.36 -14.29 11.50
C VAL D 5 -39.36 -15.24 10.30
N GLU D 6 -39.27 -16.56 10.55
CA GLU D 6 -39.20 -17.55 9.49
C GLU D 6 -40.47 -18.38 9.26
N SER D 7 -40.62 -18.94 8.04
CA SER D 7 -41.79 -19.75 7.70
C SER D 7 -41.54 -20.66 6.50
N GLY D 8 -41.55 -21.97 6.72
CA GLY D 8 -41.37 -22.93 5.63
C GLY D 8 -40.82 -24.30 5.97
N GLY D 9 -40.39 -24.48 7.21
CA GLY D 9 -39.81 -25.75 7.65
C GLY D 9 -40.80 -26.89 7.71
N GLY D 10 -40.29 -28.12 7.77
CA GLY D 10 -41.15 -29.29 7.83
C GLY D 10 -40.63 -30.49 7.08
N LEU D 11 -41.38 -31.60 7.15
CA LEU D 11 -41.03 -32.85 6.49
C LEU D 11 -41.19 -32.74 4.98
N VAL D 12 -40.24 -33.30 4.23
CA VAL D 12 -40.24 -33.31 2.78
C VAL D 12 -39.55 -34.59 2.28
N GLN D 13 -40.13 -35.27 1.28
CA GLN D 13 -39.56 -36.51 0.76
C GLN D 13 -38.30 -36.27 -0.09
N ALA D 14 -37.45 -37.30 -0.21
CA ALA D 14 -36.20 -37.25 -0.97
C ALA D 14 -36.43 -36.88 -2.44
N GLY D 15 -35.69 -35.89 -2.90
CA GLY D 15 -35.83 -35.39 -4.26
C GLY D 15 -36.84 -34.26 -4.42
N GLY D 16 -37.62 -34.00 -3.37
CA GLY D 16 -38.64 -32.95 -3.38
C GLY D 16 -38.08 -31.55 -3.31
N SER D 17 -38.87 -30.60 -2.82
CA SER D 17 -38.44 -29.21 -2.74
C SER D 17 -38.74 -28.57 -1.39
N LEU D 18 -37.88 -27.64 -0.99
CA LEU D 18 -38.02 -26.94 0.27
C LEU D 18 -38.19 -25.47 -0.03
N ARG D 19 -39.29 -24.86 0.41
CA ARG D 19 -39.53 -23.45 0.19
C ARG D 19 -39.61 -22.71 1.54
N LEU D 20 -38.53 -22.02 1.90
CA LEU D 20 -38.42 -21.28 3.16
C LEU D 20 -38.59 -19.77 2.94
N SER D 21 -38.97 -19.05 4.01
CA SER D 21 -39.12 -17.60 3.97
C SER D 21 -38.56 -16.97 5.26
N CYS D 22 -38.24 -15.68 5.21
CA CYS D 22 -37.70 -14.97 6.36
C CYS D 22 -37.98 -13.49 6.19
N ALA D 23 -38.94 -12.94 6.96
CA ALA D 23 -39.28 -11.52 6.85
C ALA D 23 -38.57 -10.69 7.91
N ALA D 24 -37.96 -9.59 7.49
CA ALA D 24 -37.24 -8.72 8.40
C ALA D 24 -38.11 -7.58 8.92
N SER D 25 -38.72 -7.80 10.09
CA SER D 25 -39.58 -6.82 10.75
C SER D 25 -38.83 -5.68 11.47
N GLY D 26 -37.51 -5.65 11.35
CA GLY D 26 -36.71 -4.61 12.00
C GLY D 26 -36.62 -3.32 11.21
N ARG D 27 -36.85 -2.18 11.88
CA ARG D 27 -36.80 -0.87 11.25
C ARG D 27 -35.37 -0.30 11.12
N ALA D 28 -34.43 -1.13 10.65
CA ALA D 28 -33.04 -0.71 10.45
C ALA D 28 -32.83 -0.14 9.05
N GLY D 29 -33.02 1.17 8.95
CA GLY D 29 -32.89 1.91 7.69
C GLY D 29 -31.47 2.21 7.24
N SER D 30 -30.55 1.27 7.45
CA SER D 30 -29.17 1.43 7.03
C SER D 30 -28.85 0.50 5.84
N GLY D 31 -29.53 -0.65 5.77
CA GLY D 31 -29.32 -1.63 4.73
C GLY D 31 -28.55 -2.79 5.30
N TYR D 32 -29.01 -4.03 5.06
CA TYR D 32 -28.32 -5.21 5.57
C TYR D 32 -28.34 -6.39 4.62
N ALA D 33 -27.21 -7.08 4.53
CA ALA D 33 -27.08 -8.27 3.69
C ALA D 33 -27.69 -9.42 4.44
N MET D 34 -28.57 -10.17 3.79
CA MET D 34 -29.23 -11.31 4.41
C MET D 34 -28.67 -12.64 3.92
N GLY D 35 -28.92 -13.70 4.66
CA GLY D 35 -28.42 -15.02 4.29
C GLY D 35 -29.17 -16.16 4.94
N TRP D 36 -28.85 -17.38 4.54
CA TRP D 36 -29.47 -18.57 5.09
C TRP D 36 -28.38 -19.51 5.59
N PHE D 37 -28.56 -20.07 6.77
CA PHE D 37 -27.60 -20.99 7.39
C PHE D 37 -28.34 -22.25 7.88
N ARG D 38 -27.60 -23.36 8.10
CA ARG D 38 -28.22 -24.58 8.59
C ARG D 38 -27.36 -25.27 9.63
N GLN D 39 -27.96 -25.64 10.77
CA GLN D 39 -27.23 -26.31 11.84
C GLN D 39 -27.53 -27.79 11.79
N ALA D 40 -26.57 -28.59 11.35
CA ALA D 40 -26.74 -30.02 11.26
C ALA D 40 -26.72 -30.66 12.67
N PRO D 41 -27.50 -31.73 12.88
CA PRO D 41 -27.55 -32.36 14.21
C PRO D 41 -26.19 -32.69 14.85
N GLY D 42 -25.30 -33.29 14.07
CA GLY D 42 -23.98 -33.66 14.60
C GLY D 42 -22.86 -32.73 14.21
N LYS D 43 -23.04 -31.99 13.10
CA LYS D 43 -22.03 -31.07 12.59
C LYS D 43 -22.20 -29.64 13.18
N GLU D 44 -21.38 -28.67 12.70
CA GLU D 44 -21.45 -27.26 13.08
C GLU D 44 -22.39 -26.50 12.13
N ARG D 45 -22.65 -25.20 12.39
CA ARG D 45 -23.52 -24.41 11.53
C ARG D 45 -22.84 -24.10 10.20
N GLU D 46 -23.53 -24.30 9.10
CA GLU D 46 -22.97 -24.08 7.77
C GLU D 46 -23.74 -23.00 7.05
N ILE D 47 -23.08 -22.31 6.12
CA ILE D 47 -23.75 -21.30 5.32
C ILE D 47 -24.42 -21.98 4.13
N VAL D 48 -25.61 -21.56 3.78
CA VAL D 48 -26.34 -22.11 2.64
C VAL D 48 -26.15 -21.14 1.46
N GLY D 49 -26.37 -19.86 1.73
CA GLY D 49 -26.23 -18.80 0.75
C GLY D 49 -26.41 -17.41 1.34
N ALA D 50 -26.21 -16.38 0.54
CA ALA D 50 -26.35 -14.98 0.96
C ALA D 50 -26.94 -14.12 -0.18
N ILE D 51 -27.48 -12.95 0.15
CA ILE D 51 -28.06 -12.04 -0.83
C ILE D 51 -27.94 -10.61 -0.31
N SER D 52 -27.61 -9.64 -1.18
CA SER D 52 -27.48 -8.25 -0.73
C SER D 52 -28.83 -7.62 -0.42
N TRP D 53 -28.80 -6.48 0.28
CA TRP D 53 -29.96 -5.70 0.67
C TRP D 53 -30.92 -5.44 -0.48
N SER D 54 -30.40 -4.94 -1.61
CA SER D 54 -31.22 -4.68 -2.79
C SER D 54 -31.65 -5.96 -3.51
N GLY D 55 -30.83 -6.99 -3.42
CA GLY D 55 -31.07 -8.25 -4.10
C GLY D 55 -30.38 -8.32 -5.45
N ASP D 56 -29.44 -7.40 -5.73
CA ASP D 56 -28.72 -7.36 -6.99
C ASP D 56 -27.66 -8.43 -7.10
N ASN D 57 -27.21 -9.05 -5.99
CA ASN D 57 -26.22 -10.13 -6.07
C ASN D 57 -26.40 -11.14 -4.96
N THR D 58 -26.30 -12.43 -5.32
CA THR D 58 -26.47 -13.55 -4.38
C THR D 58 -25.21 -14.44 -4.34
N TYR D 59 -25.11 -15.32 -3.33
CA TYR D 59 -24.02 -16.27 -3.15
C TYR D 59 -24.60 -17.63 -2.69
N TYR D 60 -24.01 -18.74 -3.16
CA TYR D 60 -24.45 -20.09 -2.82
C TYR D 60 -23.24 -20.94 -2.43
N ALA D 61 -23.31 -21.64 -1.30
CA ALA D 61 -22.21 -22.51 -0.87
C ALA D 61 -22.02 -23.68 -1.84
N ASP D 62 -20.82 -24.28 -1.86
CA ASP D 62 -20.54 -25.41 -2.75
C ASP D 62 -21.36 -26.68 -2.47
N SER D 63 -21.93 -26.77 -1.26
CA SER D 63 -22.75 -27.92 -0.88
C SER D 63 -24.12 -27.90 -1.53
N VAL D 64 -24.62 -26.71 -1.91
CA VAL D 64 -25.97 -26.60 -2.44
C VAL D 64 -26.08 -25.61 -3.64
N ARG D 65 -24.95 -25.26 -4.28
CA ARG D 65 -24.97 -24.24 -5.33
C ARG D 65 -25.83 -24.60 -6.56
N GLY D 66 -25.89 -25.86 -6.92
CA GLY D 66 -26.67 -26.26 -8.09
C GLY D 66 -28.13 -26.62 -7.83
N ARG D 67 -28.58 -26.51 -6.56
CA ARG D 67 -29.94 -26.90 -6.22
C ARG D 67 -30.77 -25.80 -5.59
N VAL D 68 -30.12 -24.88 -4.89
CA VAL D 68 -30.82 -23.83 -4.16
C VAL D 68 -30.90 -22.51 -4.93
N THR D 69 -31.82 -21.60 -4.52
CA THR D 69 -32.01 -20.30 -5.15
C THR D 69 -32.49 -19.26 -4.13
N ILE D 70 -31.62 -18.33 -3.69
CA ILE D 70 -32.01 -17.31 -2.71
C ILE D 70 -32.72 -16.15 -3.39
N SER D 71 -34.02 -16.04 -3.14
CA SER D 71 -34.85 -14.99 -3.72
C SER D 71 -35.09 -13.85 -2.72
N ARG D 72 -35.54 -12.68 -3.20
CA ARG D 72 -35.82 -11.56 -2.30
C ARG D 72 -36.90 -10.62 -2.78
N ASP D 73 -37.89 -10.35 -1.92
CA ASP D 73 -38.97 -9.41 -2.17
C ASP D 73 -38.57 -8.16 -1.39
N TYR D 74 -38.01 -7.17 -2.08
CA TYR D 74 -37.53 -5.94 -1.45
C TYR D 74 -38.68 -5.06 -0.94
N ALA D 75 -39.84 -5.10 -1.61
CA ALA D 75 -41.00 -4.33 -1.21
C ALA D 75 -41.47 -4.76 0.19
N GLN D 76 -41.49 -6.07 0.45
CA GLN D 76 -41.92 -6.59 1.76
C GLN D 76 -40.76 -7.01 2.67
N ASN D 77 -39.50 -6.74 2.26
CA ASN D 77 -38.27 -7.06 2.98
C ASN D 77 -38.25 -8.54 3.42
N THR D 78 -38.30 -9.45 2.44
CA THR D 78 -38.34 -10.88 2.75
C THR D 78 -37.41 -11.67 1.88
N VAL D 79 -36.66 -12.62 2.45
CA VAL D 79 -35.82 -13.51 1.67
C VAL D 79 -36.48 -14.87 1.56
N TYR D 80 -36.22 -15.56 0.46
CA TYR D 80 -36.81 -16.86 0.20
C TYR D 80 -35.72 -17.87 -0.16
N LEU D 81 -35.95 -19.15 0.12
CA LEU D 81 -35.00 -20.19 -0.21
C LEU D 81 -35.75 -21.33 -0.89
N GLN D 82 -35.36 -21.70 -2.11
CA GLN D 82 -36.02 -22.80 -2.83
C GLN D 82 -34.97 -23.86 -3.14
N MET D 83 -34.84 -24.84 -2.25
CA MET D 83 -33.87 -25.91 -2.40
C MET D 83 -34.55 -27.10 -3.09
N ASN D 84 -34.16 -27.43 -4.32
CA ASN D 84 -34.78 -28.53 -5.04
C ASN D 84 -33.91 -29.80 -5.02
N SER D 85 -34.50 -30.97 -5.39
CA SER D 85 -33.84 -32.28 -5.40
C SER D 85 -33.05 -32.54 -4.10
N LEU D 86 -33.77 -32.50 -2.98
CA LEU D 86 -33.22 -32.65 -1.63
C LEU D 86 -32.59 -34.01 -1.33
N LYS D 87 -31.47 -33.98 -0.61
CA LYS D 87 -30.71 -35.14 -0.18
C LYS D 87 -30.92 -35.38 1.33
N PRO D 88 -30.69 -36.61 1.84
CA PRO D 88 -30.84 -36.84 3.30
C PRO D 88 -29.96 -35.90 4.13
N GLU D 89 -28.76 -35.57 3.60
CA GLU D 89 -27.76 -34.69 4.17
C GLU D 89 -28.29 -33.27 4.46
N ASP D 90 -29.45 -32.90 3.88
CA ASP D 90 -30.04 -31.58 4.09
C ASP D 90 -30.93 -31.47 5.34
N THR D 91 -31.05 -32.56 6.13
CA THR D 91 -31.84 -32.56 7.36
C THR D 91 -31.11 -31.74 8.44
N ALA D 92 -31.56 -30.49 8.66
CA ALA D 92 -30.94 -29.57 9.62
C ALA D 92 -31.93 -28.44 10.06
N VAL D 93 -31.55 -27.59 11.03
CA VAL D 93 -32.38 -26.48 11.46
C VAL D 93 -31.94 -25.30 10.62
N TYR D 94 -32.82 -24.72 9.83
CA TYR D 94 -32.46 -23.62 8.94
C TYR D 94 -32.74 -22.26 9.52
N TYR D 95 -31.69 -21.51 9.81
CA TYR D 95 -31.79 -20.16 10.36
C TYR D 95 -31.54 -19.12 9.26
N CYS D 96 -32.14 -17.93 9.38
CA CYS D 96 -31.85 -16.85 8.44
C CYS D 96 -31.09 -15.77 9.19
N ALA D 97 -30.06 -15.23 8.57
CA ALA D 97 -29.19 -14.24 9.21
C ALA D 97 -29.22 -12.89 8.49
N ALA D 98 -28.83 -11.80 9.19
CA ALA D 98 -28.80 -10.48 8.57
C ALA D 98 -27.77 -9.55 9.23
N ASP D 99 -26.49 -9.64 8.85
CA ASP D 99 -25.45 -8.76 9.41
C ASP D 99 -25.12 -7.63 8.44
N GLY D 100 -25.56 -6.42 8.78
CA GLY D 100 -25.32 -5.23 7.96
C GLY D 100 -23.99 -4.54 8.21
N ARG D 101 -23.02 -5.27 8.78
CA ARG D 101 -21.67 -4.76 9.05
C ARG D 101 -20.56 -5.51 8.26
N GLY D 102 -20.95 -6.33 7.28
CA GLY D 102 -20.03 -7.09 6.46
C GLY D 102 -19.52 -8.40 7.07
N ASN D 103 -20.07 -8.78 8.22
CA ASN D 103 -19.64 -10.00 8.90
C ASN D 103 -20.48 -11.23 8.61
N LEU D 104 -21.36 -11.19 7.60
CA LEU D 104 -22.18 -12.35 7.26
C LEU D 104 -21.29 -13.43 6.66
N ARG D 105 -20.44 -13.04 5.71
CA ARG D 105 -19.53 -13.97 5.06
C ARG D 105 -18.26 -14.26 5.82
N ARG D 106 -18.03 -13.62 6.99
CA ARG D 106 -16.82 -13.76 7.82
C ARG D 106 -16.31 -15.20 7.91
N GLY D 107 -17.17 -16.12 8.35
CA GLY D 107 -16.82 -17.53 8.39
C GLY D 107 -17.90 -18.39 7.76
N THR D 108 -17.68 -19.71 7.74
CA THR D 108 -18.69 -20.64 7.22
C THR D 108 -19.84 -20.88 8.22
N ALA D 109 -19.61 -20.58 9.51
CA ALA D 109 -20.63 -20.76 10.55
C ALA D 109 -21.46 -19.49 10.82
N GLY D 110 -20.91 -18.33 10.51
CA GLY D 110 -21.59 -17.07 10.76
C GLY D 110 -21.53 -16.70 12.23
N ARG D 111 -20.38 -16.98 12.88
CA ARG D 111 -20.20 -16.68 14.29
C ARG D 111 -20.14 -15.17 14.61
N TYR D 112 -20.12 -14.31 13.59
CA TYR D 112 -20.09 -12.87 13.78
C TYR D 112 -21.36 -12.17 13.27
N VAL D 113 -22.42 -12.94 12.98
CA VAL D 113 -23.69 -12.43 12.49
C VAL D 113 -24.42 -11.63 13.57
N GLU D 114 -24.91 -10.47 13.19
CA GLU D 114 -25.62 -9.56 14.07
C GLU D 114 -27.03 -10.05 14.41
N TYR D 115 -27.88 -10.27 13.39
CA TYR D 115 -29.26 -10.68 13.63
C TYR D 115 -29.55 -12.08 13.15
N TRP D 116 -30.05 -12.91 14.05
CA TRP D 116 -30.36 -14.31 13.77
C TRP D 116 -31.86 -14.56 13.80
N GLY D 117 -32.29 -15.53 13.00
CA GLY D 117 -33.68 -15.91 12.93
C GLY D 117 -34.06 -16.92 14.00
N GLN D 118 -35.33 -17.33 14.01
CA GLN D 118 -35.84 -18.30 14.98
C GLN D 118 -35.34 -19.73 14.70
N GLY D 119 -35.15 -20.05 13.44
CA GLY D 119 -34.72 -21.38 13.01
C GLY D 119 -35.89 -22.29 12.73
N THR D 120 -35.88 -22.99 11.59
CA THR D 120 -36.97 -23.89 11.25
C THR D 120 -36.46 -25.31 11.02
N GLN D 121 -37.07 -26.30 11.66
CA GLN D 121 -36.64 -27.68 11.50
C GLN D 121 -37.03 -28.25 10.14
N VAL D 122 -36.03 -28.77 9.39
CA VAL D 122 -36.25 -29.36 8.08
C VAL D 122 -35.74 -30.81 8.09
N THR D 123 -36.60 -31.75 7.70
CA THR D 123 -36.27 -33.17 7.67
C THR D 123 -36.54 -33.77 6.27
N VAL D 124 -35.53 -34.42 5.67
CA VAL D 124 -35.67 -35.04 4.35
C VAL D 124 -35.59 -36.56 4.43
N SER D 125 -36.68 -37.25 4.06
CA SER D 125 -36.77 -38.72 4.11
C SER D 125 -35.99 -39.41 3.00
#